data_9IZR
#
_entry.id   9IZR
#
_cell.length_a   1.00
_cell.length_b   1.00
_cell.length_c   1.00
_cell.angle_alpha   90.00
_cell.angle_beta   90.00
_cell.angle_gamma   90.00
#
_symmetry.space_group_name_H-M   'P 1'
#
loop_
_entity.id
_entity.type
_entity.pdbx_description
1 polymer 'Cas Lambda2'
2 polymer 'RNA (58-MER)'
3 polymer 'DNA (40-MER)'
4 polymer 'DNA (40-MER)'
5 non-polymer 'MAGNESIUM ION'
6 non-polymer "GUANOSINE-5'-THIO-MONOPHOSPHATE"
7 non-polymer "2-DEOXY-CYTIDINE-5'-THIOPHOSPHORATE"
8 non-polymer "2-DEOXY-ADENOSINE -5'-THIO-MONOPHOSPHATE"
#
loop_
_entity_poly.entity_id
_entity_poly.type
_entity_poly.pdbx_seq_one_letter_code
_entity_poly.pdbx_strand_id
1 'polypeptide(L)'
;MGHHHHHHGGMKKSIKFKVKGNCPITKDVINEYKEYYNKCSDWIKNNLTSITIGEMAKFLQETLGKDVAYISMGLSDEWK
DKPLYHLFTKKYHTNNADNLLYYYIKEKNLDGYKGNTLNIGNTFFRQFGYFKLVVSNYRTKIRTLNCEIKRKKIDADSTS
EDIEMQTMYEIIKHNLNKKTDWDEFISYIENVENPNIDNINRYKLLRKCFCENENMIKNKLELLSIEQLKNFGGCIMKQH
INSMTLIIQHFKIEEKENSLGFILNLPLNKKQYQIELWGNRQVNKGTKERDAFLNTYGENIVFIINNDELYVVFSYEYEL
EKEEANFVKTVGLDVNFKHAFFVTSEKDNCHLDGYINLYKYLLEHDEFTNLLTNDEKKDYEELSKVVTFCPFENQLLFAR
YNKMSKFCKKEQVLSKLLYALQKQLKDENRTKEYIYVSCVNKLRAKYVSYFILKEKYYEKQKEYDIEMGFVDDSTESKES
MDKRRTEFPFRNTPVANELLSKLNNVQQDINGCLKNIINYIYKIFEQNGYKIVALENLENSNFEKKQVLPTIKSLLKYHK
LENQNVNDIKASDKVKEYIENGYYELITNENNEIVDAKYTEKGAMKVKNANFFNLMMKSLHFASVKDEFVLLSNNGKTQI
ALVPSEFTSQMDSTDHCLYMKKNDKGKLVKADKKEVRTKQEKHINGLNADFNAANNIKYIVENEVWREIFCTRPKKAEYN
VPSLDTTKKGPSAILHMLKKIEAIKILETEK
;
A
2 'polyribonucleotide' GGCUUGUUGUAUAUAUUCUUUUAUAGGUAUUAAACAACGGAGAUGAGGUGCGCGUGGC B
3 'polydeoxyribonucleotide'
;(DT)(DG)(DT)(DC)(DT)(DA)(DT)(DT)(DT)(DA)(DG)(DG)(DA)(DG)(DA)(DT)(DG)(DA)(DG)(DG)
(DT)(DG)(DC)(DG)(DC)(DG)(DT)(DG)(GS)(SC)(AS)(SC)(SC)(AS)(PST)(SC)(AS)(PST)(AS)
(PST)
;
C
4 'polydeoxyribonucleotide'
;(AS)(PST)(AS)(PST)(GS)(AS)(PST)(GS)(GS)(PST)(GS)(SC)(DC)(DA)(DC)(DG)(DC)(DG)(DC)
(DA)(DC)(DC)(DT)(DC)(DA)(DT)(DC)(DT)(DC)(DC)(DT)(DA)(DA)(DA)(DT)(DA)(DG)(DA)(DC)
(DA)
;
D
#
# COMPACT_ATOMS: atom_id res chain seq x y z
N MET A 11 26.08 3.06 -2.96
CA MET A 11 24.84 2.31 -2.96
C MET A 11 24.98 0.99 -2.21
N LYS A 12 24.01 0.69 -1.35
CA LYS A 12 24.07 -0.49 -0.50
C LYS A 12 23.10 -1.56 -0.98
N LYS A 13 23.27 -2.75 -0.43
CA LYS A 13 22.43 -3.91 -0.73
C LYS A 13 22.48 -4.86 0.44
N SER A 14 21.71 -5.93 0.36
CA SER A 14 21.66 -6.94 1.41
C SER A 14 21.77 -8.32 0.80
N ILE A 15 22.41 -9.22 1.55
CA ILE A 15 22.31 -10.66 1.35
C ILE A 15 21.88 -11.25 2.67
N LYS A 16 20.88 -12.12 2.62
CA LYS A 16 20.47 -12.86 3.80
C LYS A 16 21.03 -14.27 3.72
N PHE A 17 21.64 -14.72 4.81
CA PHE A 17 22.21 -16.05 4.89
C PHE A 17 21.44 -16.89 5.90
N LYS A 18 21.48 -18.19 5.69
CA LYS A 18 20.91 -19.16 6.62
C LYS A 18 22.03 -19.75 7.45
N VAL A 19 21.89 -19.67 8.78
CA VAL A 19 22.92 -20.24 9.63
C VAL A 19 22.81 -21.76 9.59
N LYS A 20 23.96 -22.43 9.58
CA LYS A 20 23.98 -23.86 9.28
C LYS A 20 23.71 -24.70 10.53
N GLY A 21 24.54 -24.55 11.56
CA GLY A 21 24.43 -25.41 12.72
C GLY A 21 23.54 -24.85 13.81
N ASN A 22 24.09 -24.79 15.03
CA ASN A 22 23.39 -24.22 16.18
C ASN A 22 24.07 -22.91 16.58
N CYS A 23 23.25 -21.91 16.87
CA CYS A 23 23.70 -20.61 17.30
C CYS A 23 23.14 -20.29 18.68
N PRO A 24 23.89 -19.63 19.55
CA PRO A 24 23.36 -19.27 20.87
C PRO A 24 22.27 -18.22 20.83
N ILE A 25 22.03 -17.60 19.68
CA ILE A 25 21.06 -16.52 19.56
C ILE A 25 19.66 -17.11 19.37
N THR A 26 18.96 -17.32 20.48
CA THR A 26 17.63 -17.89 20.49
C THR A 26 16.59 -16.78 20.61
N LYS A 27 15.34 -17.16 20.90
CA LYS A 27 14.28 -16.17 21.00
C LYS A 27 14.33 -15.37 22.30
N ASP A 28 14.99 -15.88 23.34
CA ASP A 28 15.15 -15.08 24.55
C ASP A 28 16.14 -13.94 24.34
N VAL A 29 17.22 -14.21 23.59
CA VAL A 29 18.20 -13.18 23.25
C VAL A 29 17.54 -12.04 22.49
N ILE A 30 16.44 -12.32 21.80
CA ILE A 30 15.74 -11.30 21.04
C ILE A 30 14.61 -10.66 21.84
N ASN A 31 13.95 -11.42 22.71
CA ASN A 31 12.94 -10.83 23.58
C ASN A 31 13.55 -9.83 24.54
N GLU A 32 14.77 -10.11 25.03
CA GLU A 32 15.45 -9.15 25.89
C GLU A 32 15.74 -7.85 25.15
N TYR A 33 16.22 -7.97 23.92
CA TYR A 33 16.47 -6.80 23.08
C TYR A 33 15.21 -5.99 22.87
N LYS A 34 14.09 -6.68 22.61
CA LYS A 34 12.83 -5.97 22.37
C LYS A 34 12.32 -5.29 23.64
N GLU A 35 12.44 -5.95 24.79
CA GLU A 35 12.00 -5.33 26.03
C GLU A 35 12.83 -4.10 26.36
N TYR A 36 14.14 -4.17 26.11
CA TYR A 36 14.99 -3.00 26.32
C TYR A 36 14.60 -1.86 25.38
N TYR A 37 14.33 -2.19 24.12
CA TYR A 37 13.81 -1.17 23.20
C TYR A 37 12.57 -0.51 23.76
N ASN A 38 11.62 -1.32 24.22
CA ASN A 38 10.35 -0.78 24.67
C ASN A 38 10.54 0.12 25.89
N LYS A 39 11.38 -0.27 26.84
CA LYS A 39 11.59 0.57 28.01
C LYS A 39 12.27 1.88 27.66
N CYS A 40 13.30 1.83 26.80
CA CYS A 40 13.99 3.06 26.42
C CYS A 40 13.05 4.01 25.69
N SER A 41 12.28 3.49 24.73
CA SER A 41 11.35 4.36 24.01
C SER A 41 10.23 4.86 24.92
N ASP A 42 9.84 4.06 25.92
CA ASP A 42 8.86 4.53 26.89
C ASP A 42 9.36 5.75 27.63
N TRP A 43 10.60 5.69 28.13
CA TRP A 43 11.15 6.86 28.81
C TRP A 43 11.24 8.06 27.85
N ILE A 44 11.70 7.81 26.62
CA ILE A 44 11.88 8.91 25.68
C ILE A 44 10.56 9.61 25.41
N LYS A 45 9.48 8.85 25.19
CA LYS A 45 8.20 9.50 24.93
C LYS A 45 7.65 10.18 26.17
N ASN A 46 7.80 9.56 27.35
CA ASN A 46 7.32 10.18 28.56
C ASN A 46 8.03 11.48 28.88
N ASN A 47 9.25 11.68 28.39
CA ASN A 47 10.00 12.90 28.65
C ASN A 47 10.29 13.69 27.39
N LEU A 48 9.41 13.62 26.39
CA LEU A 48 9.66 14.31 25.12
C LEU A 48 9.68 15.82 25.29
N THR A 49 8.80 16.35 26.14
CA THR A 49 8.68 17.79 26.33
C THR A 49 9.07 18.27 27.72
N SER A 50 9.13 17.38 28.71
CA SER A 50 9.31 17.78 30.09
C SER A 50 10.75 18.16 30.43
N ILE A 51 11.73 17.77 29.62
CA ILE A 51 13.13 18.00 29.91
C ILE A 51 13.77 18.74 28.75
N THR A 52 14.57 19.76 29.07
CA THR A 52 15.27 20.54 28.07
C THR A 52 16.66 19.95 27.82
N ILE A 53 17.22 20.29 26.66
CA ILE A 53 18.52 19.75 26.26
C ILE A 53 19.61 20.25 27.22
N GLY A 54 19.58 21.53 27.55
CA GLY A 54 20.56 22.06 28.50
C GLY A 54 20.45 21.42 29.87
N GLU A 55 19.24 21.08 30.30
CA GLU A 55 19.07 20.46 31.61
C GLU A 55 19.76 19.11 31.69
N MET A 56 19.96 18.44 30.55
CA MET A 56 20.67 17.17 30.49
C MET A 56 22.17 17.36 30.28
N ALA A 57 22.54 18.30 29.41
CA ALA A 57 23.94 18.58 29.18
C ALA A 57 24.61 19.09 30.45
N LYS A 58 23.90 19.89 31.25
CA LYS A 58 24.44 20.36 32.51
C LYS A 58 24.66 19.22 33.48
N PHE A 59 23.73 18.27 33.55
CA PHE A 59 23.89 17.11 34.43
C PHE A 59 25.09 16.28 34.02
N LEU A 60 25.28 16.09 32.71
CA LEU A 60 26.45 15.35 32.23
C LEU A 60 27.74 16.11 32.56
N GLN A 61 27.72 17.43 32.42
CA GLN A 61 28.93 18.21 32.72
C GLN A 61 29.27 18.15 34.20
N GLU A 62 28.27 18.25 35.07
CA GLU A 62 28.53 18.27 36.51
C GLU A 62 28.91 16.90 37.04
N THR A 63 28.25 15.84 36.58
CA THR A 63 28.53 14.51 37.10
C THR A 63 29.83 13.92 36.54
N LEU A 64 30.15 14.21 35.28
CA LEU A 64 31.29 13.59 34.63
C LEU A 64 32.46 14.53 34.40
N GLY A 65 32.21 15.82 34.17
CA GLY A 65 33.29 16.76 33.96
C GLY A 65 34.11 16.55 32.71
N LYS A 66 33.47 16.33 31.56
CA LYS A 66 34.16 16.09 30.30
C LYS A 66 34.00 17.29 29.36
N ASP A 67 35.10 17.66 28.71
CA ASP A 67 35.10 18.79 27.77
C ASP A 67 35.02 18.22 26.36
N VAL A 68 33.79 17.88 25.95
CA VAL A 68 33.53 17.27 24.66
C VAL A 68 32.42 18.03 23.96
N ALA A 69 32.33 17.83 22.65
CA ALA A 69 31.38 18.59 21.83
C ALA A 69 29.94 18.23 22.16
N TYR A 70 29.66 17.02 22.63
CA TYR A 70 28.27 16.66 22.88
C TYR A 70 27.76 17.22 24.20
N ILE A 71 28.63 17.76 25.04
CA ILE A 71 28.18 18.46 26.24
C ILE A 71 28.31 19.95 25.99
N SER A 72 29.23 20.32 25.09
CA SER A 72 29.43 21.71 24.72
C SER A 72 28.46 22.18 23.64
N MET A 73 27.59 21.32 23.14
CA MET A 73 26.56 21.72 22.20
C MET A 73 25.19 21.83 22.84
N GLY A 74 24.88 20.98 23.81
CA GLY A 74 23.62 21.09 24.52
C GLY A 74 23.56 22.24 25.50
N LEU A 75 24.72 22.71 25.97
CA LEU A 75 24.78 23.85 26.86
C LEU A 75 24.89 25.18 26.14
N SER A 76 25.00 25.16 24.82
CA SER A 76 24.99 26.41 24.06
C SER A 76 23.59 27.01 24.04
N ASP A 77 23.53 28.33 23.88
CA ASP A 77 22.24 29.02 23.89
C ASP A 77 21.32 28.58 22.77
N GLU A 78 21.87 28.03 21.67
CA GLU A 78 21.04 27.59 20.57
C GLU A 78 20.11 26.46 20.98
N TRP A 79 20.61 25.53 21.79
CA TRP A 79 19.84 24.34 22.16
C TRP A 79 19.60 24.24 23.65
N LYS A 80 19.95 25.26 24.44
CA LYS A 80 19.96 25.12 25.89
C LYS A 80 18.56 24.87 26.44
N ASP A 81 17.58 25.69 26.08
CA ASP A 81 16.26 25.63 26.70
C ASP A 81 15.23 24.87 25.87
N LYS A 82 15.57 24.44 24.67
CA LYS A 82 14.61 23.72 23.84
C LYS A 82 14.33 22.33 24.43
N PRO A 83 13.10 21.83 24.25
CA PRO A 83 12.75 20.53 24.86
C PRO A 83 13.49 19.36 24.25
N LEU A 84 13.25 18.17 24.79
CA LEU A 84 14.04 16.99 24.43
C LEU A 84 13.92 16.66 22.94
N TYR A 85 12.71 16.80 22.39
CA TYR A 85 12.46 16.29 21.04
C TYR A 85 13.23 17.04 19.97
N HIS A 86 13.85 18.18 20.29
CA HIS A 86 14.71 18.82 19.31
C HIS A 86 15.99 18.05 19.06
N LEU A 87 16.29 17.04 19.88
CA LEU A 87 17.44 16.19 19.62
C LEU A 87 17.24 15.35 18.36
N PHE A 88 16.00 15.06 18.00
CA PHE A 88 15.70 14.25 16.84
C PHE A 88 15.43 15.07 15.58
N THR A 89 15.36 16.39 15.70
CA THR A 89 15.14 17.23 14.53
C THR A 89 16.39 17.24 13.66
N LYS A 90 16.18 17.50 12.36
CA LYS A 90 17.28 17.42 11.41
C LYS A 90 18.35 18.48 11.66
N LYS A 91 18.04 19.51 12.47
CA LYS A 91 19.02 20.56 12.72
C LYS A 91 20.15 20.08 13.62
N TYR A 92 19.82 19.33 14.67
CA TYR A 92 20.82 18.90 15.64
C TYR A 92 21.78 17.89 15.04
N HIS A 93 23.05 17.98 15.44
CA HIS A 93 24.04 17.02 14.98
C HIS A 93 23.63 15.61 15.41
N THR A 94 23.78 14.66 14.49
CA THR A 94 23.32 13.30 14.75
C THR A 94 24.10 12.66 15.89
N ASN A 95 25.43 12.66 15.79
CA ASN A 95 26.24 11.96 16.76
C ASN A 95 26.26 12.68 18.10
N ASN A 96 26.26 14.02 18.08
CA ASN A 96 26.20 14.76 19.34
C ASN A 96 24.90 14.49 20.08
N ALA A 97 23.77 14.44 19.36
CA ALA A 97 22.50 14.13 19.99
C ALA A 97 22.47 12.71 20.50
N ASP A 98 22.99 11.76 19.71
CA ASP A 98 23.05 10.37 20.15
C ASP A 98 23.85 10.25 21.43
N ASN A 99 25.03 10.87 21.48
CA ASN A 99 25.89 10.75 22.65
C ASN A 99 25.27 11.42 23.86
N LEU A 100 24.73 12.63 23.68
CA LEU A 100 24.11 13.32 24.81
C LEU A 100 22.99 12.49 25.40
N LEU A 101 22.07 12.02 24.55
CA LEU A 101 20.94 11.25 25.03
C LEU A 101 21.38 9.93 25.65
N TYR A 102 22.32 9.23 25.00
CA TYR A 102 22.75 7.93 25.50
C TYR A 102 23.45 8.04 26.84
N TYR A 103 24.33 9.02 27.00
CA TYR A 103 25.04 9.13 28.27
C TYR A 103 24.17 9.69 29.38
N TYR A 104 23.19 10.55 29.05
CA TYR A 104 22.20 10.90 30.08
C TYR A 104 21.42 9.67 30.52
N ILE A 105 20.97 8.85 29.57
CA ILE A 105 20.18 7.67 29.90
C ILE A 105 21.03 6.67 30.70
N LYS A 106 22.28 6.49 30.29
CA LYS A 106 23.16 5.52 30.94
C LYS A 106 23.50 5.95 32.36
N GLU A 107 23.95 7.20 32.53
CA GLU A 107 24.36 7.66 33.85
C GLU A 107 23.20 7.72 34.83
N LYS A 108 21.96 7.75 34.35
CA LYS A 108 20.79 7.74 35.21
C LYS A 108 20.17 6.36 35.36
N ASN A 109 20.52 5.41 34.48
CA ASN A 109 19.98 4.05 34.50
C ASN A 109 18.46 4.07 34.36
N LEU A 110 18.00 4.54 33.20
CA LEU A 110 16.59 4.80 32.98
C LEU A 110 15.89 3.72 32.17
N ASP A 111 16.63 2.90 31.42
CA ASP A 111 16.04 1.79 30.69
C ASP A 111 16.17 0.47 31.44
N GLY A 112 16.66 0.50 32.68
CA GLY A 112 16.74 -0.70 33.49
C GLY A 112 17.62 -1.79 32.94
N TYR A 113 18.79 -1.42 32.42
CA TYR A 113 19.67 -2.37 31.76
C TYR A 113 20.39 -3.22 32.79
N LYS A 114 20.35 -4.54 32.60
CA LYS A 114 21.09 -5.48 33.44
C LYS A 114 21.99 -6.39 32.61
N GLY A 115 22.34 -5.98 31.40
CA GLY A 115 23.09 -6.80 30.48
C GLY A 115 22.22 -7.75 29.69
N ASN A 116 22.84 -8.43 28.75
CA ASN A 116 22.16 -9.45 27.95
C ASN A 116 22.64 -10.84 28.32
N THR A 117 21.85 -11.84 27.92
CA THR A 117 22.14 -13.21 28.30
C THR A 117 23.45 -13.70 27.71
N LEU A 118 23.69 -13.42 26.44
CA LEU A 118 24.93 -13.83 25.80
C LEU A 118 26.11 -12.95 26.18
N ASN A 119 25.88 -11.89 26.96
CA ASN A 119 26.94 -10.96 27.36
C ASN A 119 27.66 -10.39 26.15
N ILE A 120 26.89 -10.04 25.12
CA ILE A 120 27.43 -9.30 23.99
C ILE A 120 27.91 -7.95 24.49
N GLY A 121 28.95 -7.42 23.84
CA GLY A 121 29.50 -6.13 24.21
C GLY A 121 28.46 -5.03 24.19
N ASN A 122 28.34 -4.30 25.30
CA ASN A 122 27.29 -3.29 25.44
C ASN A 122 27.35 -2.27 24.32
N THR A 123 28.55 -1.98 23.79
CA THR A 123 28.66 -1.07 22.66
C THR A 123 27.83 -1.56 21.48
N PHE A 124 27.73 -2.87 21.29
CA PHE A 124 27.04 -3.44 20.14
C PHE A 124 25.62 -3.86 20.42
N PHE A 125 25.29 -4.15 21.68
CA PHE A 125 23.95 -4.60 22.04
C PHE A 125 23.06 -3.49 22.55
N ARG A 126 23.63 -2.45 23.16
CA ARG A 126 22.85 -1.40 23.80
C ARG A 126 23.02 -0.06 23.11
N GLN A 127 24.24 0.46 23.03
CA GLN A 127 24.44 1.80 22.48
C GLN A 127 24.22 1.82 20.98
N PHE A 128 25.02 1.06 20.24
CA PHE A 128 24.83 0.88 18.81
C PHE A 128 23.90 -0.28 18.51
N GLY A 129 23.09 -0.70 19.47
CA GLY A 129 22.15 -1.78 19.29
C GLY A 129 20.72 -1.30 19.30
N TYR A 130 20.02 -1.50 20.41
CA TYR A 130 18.61 -1.10 20.46
C TYR A 130 18.44 0.39 20.66
N PHE A 131 19.37 1.05 21.35
CA PHE A 131 19.28 2.49 21.51
C PHE A 131 19.42 3.21 20.16
N LYS A 132 20.33 2.73 19.31
CA LYS A 132 20.48 3.33 17.99
C LYS A 132 19.24 3.16 17.12
N LEU A 133 18.39 2.18 17.43
CA LEU A 133 17.12 2.02 16.75
C LEU A 133 16.02 2.86 17.36
N VAL A 134 15.98 2.95 18.69
CA VAL A 134 15.03 3.85 19.34
C VAL A 134 15.23 5.27 18.84
N VAL A 135 16.48 5.72 18.75
CA VAL A 135 16.77 7.08 18.31
C VAL A 135 16.28 7.31 16.89
N SER A 136 16.57 6.38 15.99
CA SER A 136 16.15 6.55 14.60
C SER A 136 14.65 6.47 14.46
N ASN A 137 13.98 5.68 15.29
CA ASN A 137 12.53 5.59 15.21
C ASN A 137 11.88 6.84 15.76
N TYR A 138 12.52 7.51 16.72
CA TYR A 138 12.00 8.81 17.16
C TYR A 138 12.39 9.94 16.22
N ARG A 139 13.40 9.75 15.37
CA ARG A 139 13.72 10.76 14.38
C ARG A 139 12.70 10.76 13.25
N THR A 140 12.33 9.58 12.75
CA THR A 140 11.34 9.50 11.68
C THR A 140 9.99 10.01 12.14
N LYS A 141 9.63 9.77 13.40
CA LYS A 141 8.41 10.33 13.95
C LYS A 141 8.46 11.86 13.97
N ILE A 142 9.61 12.43 14.34
CA ILE A 142 9.69 13.87 14.58
C ILE A 142 10.02 14.63 13.31
N ARG A 143 10.91 14.11 12.47
CA ARG A 143 11.28 14.81 11.25
C ARG A 143 10.15 14.90 10.24
N THR A 144 9.08 14.11 10.41
CA THR A 144 7.87 14.19 9.61
C THR A 144 6.71 14.12 10.61
N LEU A 145 6.31 15.28 11.11
CA LEU A 145 5.34 15.37 12.20
C LEU A 145 4.05 15.97 11.65
N ASN A 146 2.92 15.38 12.01
CA ASN A 146 1.61 15.77 11.51
C ASN A 146 0.64 15.95 12.68
N CYS A 147 -0.54 16.46 12.35
CA CYS A 147 -1.60 16.68 13.32
C CYS A 147 -2.87 15.96 12.87
N GLU A 148 -3.62 15.46 13.84
CA GLU A 148 -4.86 14.75 13.58
C GLU A 148 -6.03 15.69 13.89
N ILE A 149 -6.82 15.99 12.87
CA ILE A 149 -7.97 16.88 12.97
C ILE A 149 -9.20 16.09 12.59
N LYS A 150 -10.21 16.10 13.46
CA LYS A 150 -11.48 15.46 13.15
C LYS A 150 -12.33 16.37 12.28
N ARG A 151 -13.01 15.77 11.31
CA ARG A 151 -13.93 16.54 10.48
C ARG A 151 -15.15 16.94 11.28
N LYS A 152 -15.74 18.07 10.90
CA LYS A 152 -16.91 18.58 11.60
C LYS A 152 -17.76 19.38 10.63
N LYS A 153 -19.05 19.11 10.64
CA LYS A 153 -20.00 19.87 9.82
C LYS A 153 -20.24 21.24 10.43
N ILE A 154 -20.21 22.26 9.58
CA ILE A 154 -20.34 23.64 10.01
C ILE A 154 -21.63 24.22 9.46
N ASP A 155 -22.05 25.33 10.06
CA ASP A 155 -23.20 26.10 9.61
C ASP A 155 -22.71 27.46 9.09
N ALA A 156 -23.66 28.24 8.57
CA ALA A 156 -23.31 29.56 8.05
C ALA A 156 -22.78 30.47 9.15
N ASP A 157 -23.41 30.45 10.32
CA ASP A 157 -22.97 31.23 11.47
C ASP A 157 -22.11 30.33 12.35
N SER A 158 -20.87 30.11 11.92
CA SER A 158 -19.92 29.28 12.64
C SER A 158 -18.81 30.16 13.20
N THR A 159 -18.36 29.82 14.41
CA THR A 159 -17.32 30.60 15.06
C THR A 159 -16.03 30.55 14.25
N SER A 160 -15.25 31.62 14.33
CA SER A 160 -14.04 31.72 13.53
C SER A 160 -13.06 30.60 13.85
N GLU A 161 -13.00 30.15 15.11
CA GLU A 161 -12.07 29.09 15.47
C GLU A 161 -12.41 27.78 14.78
N ASP A 162 -13.69 27.42 14.73
CA ASP A 162 -14.09 26.19 14.05
C ASP A 162 -13.81 26.28 12.55
N ILE A 163 -14.08 27.45 11.95
CA ILE A 163 -13.71 27.65 10.55
C ILE A 163 -12.20 27.65 10.39
N GLU A 164 -11.49 28.20 11.37
CA GLU A 164 -10.04 28.15 11.36
C GLU A 164 -9.54 26.71 11.45
N MET A 165 -10.13 25.92 12.35
CA MET A 165 -9.72 24.53 12.50
C MET A 165 -10.04 23.71 11.26
N GLN A 166 -11.22 23.88 10.69
CA GLN A 166 -11.60 23.10 9.51
C GLN A 166 -10.80 23.50 8.28
N THR A 167 -10.24 24.71 8.25
CA THR A 167 -9.30 25.04 7.18
C THR A 167 -8.01 24.25 7.34
N MET A 168 -7.60 23.98 8.58
CA MET A 168 -6.48 23.09 8.81
C MET A 168 -6.79 21.68 8.33
N TYR A 169 -8.00 21.20 8.62
CA TYR A 169 -8.39 19.86 8.18
C TYR A 169 -8.28 19.72 6.68
N GLU A 170 -8.75 20.72 5.93
CA GLU A 170 -8.79 20.62 4.48
C GLU A 170 -7.40 20.68 3.88
N ILE A 171 -6.48 21.44 4.48
CA ILE A 171 -5.12 21.55 3.94
C ILE A 171 -4.43 20.19 3.99
N ILE A 172 -4.65 19.43 5.05
CA ILE A 172 -4.06 18.10 5.17
C ILE A 172 -4.60 17.17 4.09
N LYS A 173 -5.93 17.09 3.96
CA LYS A 173 -6.54 16.04 3.17
C LYS A 173 -6.50 16.30 1.67
N HIS A 174 -6.30 17.53 1.25
CA HIS A 174 -6.36 17.86 -0.16
C HIS A 174 -5.10 18.53 -0.70
N ASN A 175 -4.12 18.82 0.17
CA ASN A 175 -2.85 19.42 -0.24
C ASN A 175 -3.08 20.75 -0.97
N LEU A 176 -3.67 21.69 -0.26
CA LEU A 176 -3.95 23.02 -0.78
C LEU A 176 -3.12 24.01 0.03
N ASN A 177 -1.98 24.42 -0.54
CA ASN A 177 -1.03 25.29 0.15
C ASN A 177 -0.71 26.56 -0.62
N LYS A 178 -0.89 26.58 -1.93
CA LYS A 178 -0.72 27.79 -2.71
C LYS A 178 -2.05 28.48 -2.92
N LYS A 179 -2.00 29.66 -3.54
CA LYS A 179 -3.23 30.38 -3.87
C LYS A 179 -4.02 29.65 -4.94
N THR A 180 -3.33 29.08 -5.93
CA THR A 180 -4.02 28.45 -7.06
C THR A 180 -4.64 27.12 -6.69
N ASP A 181 -4.08 26.42 -5.69
CA ASP A 181 -4.62 25.13 -5.29
C ASP A 181 -6.03 25.23 -4.73
N TRP A 182 -6.49 26.43 -4.38
CA TRP A 182 -7.88 26.64 -4.01
C TRP A 182 -8.72 27.10 -5.19
N ASP A 183 -8.10 27.77 -6.16
CA ASP A 183 -8.80 28.05 -7.41
C ASP A 183 -9.15 26.76 -8.14
N GLU A 184 -8.21 25.81 -8.18
CA GLU A 184 -8.43 24.57 -8.93
C GLU A 184 -9.46 23.69 -8.25
N PHE A 185 -9.32 23.48 -6.94
CA PHE A 185 -10.21 22.56 -6.24
C PHE A 185 -11.65 23.06 -6.26
N ILE A 186 -11.86 24.37 -6.10
CA ILE A 186 -13.20 24.92 -6.24
C ILE A 186 -13.71 24.71 -7.66
N SER A 187 -12.89 25.07 -8.66
CA SER A 187 -13.31 24.98 -10.06
C SER A 187 -13.42 23.55 -10.55
N TYR A 188 -12.97 22.57 -9.78
CA TYR A 188 -13.13 21.17 -10.14
C TYR A 188 -14.39 20.55 -9.56
N ILE A 189 -14.85 21.02 -8.40
CA ILE A 189 -16.08 20.51 -7.82
C ILE A 189 -17.27 21.40 -8.09
N GLU A 190 -17.11 22.45 -8.89
CA GLU A 190 -18.19 23.36 -9.22
C GLU A 190 -18.73 23.15 -10.64
N ASN A 191 -17.89 22.72 -11.57
CA ASN A 191 -18.37 22.44 -12.92
C ASN A 191 -19.07 21.08 -13.01
N VAL A 192 -19.06 20.30 -11.94
CA VAL A 192 -19.81 19.05 -11.90
C VAL A 192 -21.25 19.31 -12.26
N GLU A 193 -21.76 18.59 -13.26
CA GLU A 193 -23.14 18.75 -13.70
C GLU A 193 -24.08 18.38 -12.55
N ASN A 194 -25.08 19.23 -12.31
CA ASN A 194 -25.90 19.17 -11.11
C ASN A 194 -25.01 19.16 -9.88
N PRO A 195 -24.32 20.26 -9.58
CA PRO A 195 -23.34 20.25 -8.48
C PRO A 195 -24.02 20.19 -7.12
N ASN A 196 -23.21 19.81 -6.12
CA ASN A 196 -23.67 19.73 -4.74
C ASN A 196 -23.48 21.08 -4.08
N ILE A 197 -24.57 21.80 -3.86
CA ILE A 197 -24.49 23.13 -3.26
C ILE A 197 -24.17 23.06 -1.78
N ASP A 198 -24.38 21.91 -1.14
CA ASP A 198 -24.16 21.79 0.30
C ASP A 198 -22.68 21.95 0.65
N ASN A 199 -21.79 21.41 -0.18
CA ASN A 199 -20.36 21.40 0.14
C ASN A 199 -19.57 22.49 -0.55
N ILE A 200 -20.02 22.97 -1.72
CA ILE A 200 -19.25 23.99 -2.43
C ILE A 200 -19.22 25.29 -1.62
N ASN A 201 -20.31 25.60 -0.92
CA ASN A 201 -20.31 26.79 -0.06
C ASN A 201 -19.30 26.63 1.07
N ARG A 202 -19.18 25.43 1.63
CA ARG A 202 -18.20 25.19 2.69
C ARG A 202 -16.79 25.50 2.20
N TYR A 203 -16.43 24.99 1.04
CA TYR A 203 -15.07 25.19 0.52
C TYR A 203 -14.85 26.63 0.08
N LYS A 204 -15.88 27.30 -0.46
CA LYS A 204 -15.74 28.71 -0.76
C LYS A 204 -15.52 29.52 0.51
N LEU A 205 -16.20 29.16 1.60
CA LEU A 205 -15.99 29.83 2.88
C LEU A 205 -14.59 29.57 3.42
N LEU A 206 -14.11 28.34 3.28
CA LEU A 206 -12.78 28.00 3.79
C LEU A 206 -11.66 28.59 2.94
N ARG A 207 -11.93 28.91 1.67
CA ARG A 207 -10.94 29.63 0.89
C ARG A 207 -10.74 31.05 1.42
N LYS A 208 -11.78 31.64 2.02
CA LYS A 208 -11.65 32.99 2.56
C LYS A 208 -10.66 33.03 3.72
N CYS A 209 -10.70 32.02 4.61
CA CYS A 209 -9.78 31.99 5.73
C CYS A 209 -8.33 31.84 5.27
N PHE A 210 -8.10 31.00 4.26
CA PHE A 210 -6.73 30.76 3.79
C PHE A 210 -6.13 32.03 3.19
N CYS A 211 -6.92 32.78 2.43
CA CYS A 211 -6.42 34.02 1.82
C CYS A 211 -6.43 35.19 2.78
N GLU A 212 -6.93 34.98 4.01
CA GLU A 212 -6.95 36.00 5.04
C GLU A 212 -5.97 35.72 6.17
N ASN A 213 -5.78 34.45 6.53
CA ASN A 213 -4.99 34.04 7.69
C ASN A 213 -4.04 32.91 7.31
N GLU A 214 -3.30 33.09 6.21
CA GLU A 214 -2.48 32.00 5.69
C GLU A 214 -1.36 31.61 6.65
N ASN A 215 -0.48 32.57 6.97
CA ASN A 215 0.65 32.26 7.84
C ASN A 215 0.19 31.84 9.23
N MET A 216 -0.85 32.50 9.75
CA MET A 216 -1.43 32.09 11.03
C MET A 216 -1.88 30.63 10.98
N ILE A 217 -2.45 30.21 9.85
CA ILE A 217 -2.91 28.84 9.69
C ILE A 217 -1.74 27.86 9.81
N LYS A 218 -0.65 28.15 9.10
CA LYS A 218 0.51 27.27 9.15
C LYS A 218 1.09 27.19 10.55
N ASN A 219 1.22 28.34 11.20
CA ASN A 219 1.79 28.36 12.55
C ASN A 219 0.92 27.58 13.53
N LYS A 220 -0.40 27.74 13.42
CA LYS A 220 -1.29 26.99 14.31
C LYS A 220 -1.23 25.50 14.01
N LEU A 221 -1.08 25.12 12.74
CA LEU A 221 -0.87 23.72 12.39
C LEU A 221 0.34 23.15 13.11
N GLU A 222 1.47 23.84 12.99
CA GLU A 222 2.71 23.35 13.60
C GLU A 222 2.59 23.28 15.12
N LEU A 223 2.01 24.31 15.74
CA LEU A 223 1.86 24.31 17.18
C LEU A 223 0.90 23.25 17.70
N LEU A 224 -0.20 22.98 16.99
CA LEU A 224 -1.09 21.89 17.35
C LEU A 224 -0.43 20.54 17.16
N SER A 225 0.39 20.39 16.12
CA SER A 225 1.13 19.13 15.94
C SER A 225 2.07 18.89 17.11
N ILE A 226 2.74 19.93 17.59
CA ILE A 226 3.60 19.77 18.76
C ILE A 226 2.77 19.50 20.01
N GLU A 227 1.60 20.16 20.13
CA GLU A 227 0.79 19.97 21.33
C GLU A 227 0.25 18.55 21.43
N GLN A 228 -0.20 17.99 20.32
CA GLN A 228 -0.72 16.63 20.34
C GLN A 228 0.35 15.59 20.66
N LEU A 229 1.63 15.95 20.50
CA LEU A 229 2.72 15.02 20.80
C LEU A 229 2.73 14.61 22.26
N LYS A 230 2.10 15.40 23.14
CA LYS A 230 2.03 15.02 24.55
C LYS A 230 1.21 13.76 24.76
N ASN A 231 0.23 13.51 23.89
CA ASN A 231 -0.59 12.31 23.97
C ASN A 231 -0.06 11.17 23.11
N PHE A 232 1.09 11.36 22.47
CA PHE A 232 1.68 10.31 21.65
C PHE A 232 2.07 9.12 22.51
N GLY A 233 1.80 7.92 22.00
CA GLY A 233 2.07 6.70 22.73
C GLY A 233 3.49 6.20 22.65
N GLY A 234 4.31 6.77 21.79
CA GLY A 234 5.69 6.36 21.65
C GLY A 234 5.87 5.24 20.65
N CYS A 235 7.10 5.13 20.15
CA CYS A 235 7.44 4.07 19.21
C CYS A 235 7.50 2.74 19.95
N ILE A 236 6.76 1.75 19.46
CA ILE A 236 6.63 0.45 20.10
C ILE A 236 7.09 -0.63 19.13
N MET A 237 7.92 -1.54 19.62
CA MET A 237 8.37 -2.68 18.84
C MET A 237 7.34 -3.80 18.98
N LYS A 238 6.81 -4.25 17.85
CA LYS A 238 5.67 -5.16 17.87
C LYS A 238 6.07 -6.52 18.44
N GLN A 239 5.07 -7.23 18.97
CA GLN A 239 5.32 -8.53 19.59
C GLN A 239 5.66 -9.61 18.58
N HIS A 240 5.49 -9.36 17.28
CA HIS A 240 5.72 -10.37 16.26
C HIS A 240 7.00 -10.12 15.48
N ILE A 241 7.92 -9.33 16.03
CA ILE A 241 9.07 -8.89 15.25
C ILE A 241 10.13 -9.98 15.16
N ASN A 242 10.57 -10.50 16.30
CA ASN A 242 11.52 -11.61 16.36
C ASN A 242 12.78 -11.32 15.54
N SER A 243 13.47 -10.24 15.89
CA SER A 243 14.71 -9.88 15.22
C SER A 243 15.50 -8.98 16.14
N MET A 244 16.77 -8.79 15.79
CA MET A 244 17.71 -8.04 16.60
C MET A 244 18.80 -7.50 15.70
N THR A 245 19.20 -6.26 15.91
CA THR A 245 20.22 -5.61 15.10
C THR A 245 21.39 -5.22 16.00
N LEU A 246 22.60 -5.54 15.56
CA LEU A 246 23.82 -5.17 16.25
C LEU A 246 24.76 -4.51 15.25
N ILE A 247 25.50 -3.50 15.69
CA ILE A 247 26.52 -2.86 14.87
C ILE A 247 27.86 -3.11 15.54
N ILE A 248 28.76 -3.79 14.83
CA ILE A 248 30.07 -4.16 15.33
C ILE A 248 31.11 -3.72 14.32
N GLN A 249 32.09 -2.95 14.78
CA GLN A 249 33.08 -2.41 13.85
C GLN A 249 34.05 -3.48 13.37
N HIS A 250 34.41 -4.42 14.23
CA HIS A 250 35.45 -5.39 13.93
C HIS A 250 34.90 -6.80 14.07
N PHE A 251 34.49 -7.36 12.94
CA PHE A 251 34.20 -8.78 12.82
C PHE A 251 34.57 -9.20 11.41
N LYS A 252 34.78 -10.49 11.22
CA LYS A 252 35.25 -10.99 9.94
C LYS A 252 34.30 -12.02 9.37
N ILE A 253 34.20 -12.03 8.04
CA ILE A 253 33.50 -13.06 7.29
C ILE A 253 34.52 -13.69 6.36
N GLU A 254 34.68 -15.00 6.47
CA GLU A 254 35.61 -15.74 5.63
C GLU A 254 34.88 -16.89 4.97
N GLU A 255 35.39 -17.32 3.82
CA GLU A 255 34.83 -18.47 3.13
C GLU A 255 35.19 -19.75 3.87
N LYS A 256 34.19 -20.59 4.12
CA LYS A 256 34.45 -21.90 4.70
C LYS A 256 35.22 -22.74 3.70
N GLU A 257 36.38 -23.25 4.11
CA GLU A 257 37.30 -23.86 3.16
C GLU A 257 36.72 -25.13 2.57
N ASN A 258 36.94 -25.31 1.26
CA ASN A 258 36.40 -26.45 0.51
C ASN A 258 34.89 -26.52 0.64
N SER A 259 34.23 -25.39 0.48
CA SER A 259 32.79 -25.31 0.67
C SER A 259 32.25 -24.11 -0.10
N LEU A 260 30.94 -24.11 -0.27
CA LEU A 260 30.23 -22.97 -0.84
C LEU A 260 29.63 -22.06 0.23
N GLY A 261 29.86 -22.36 1.51
CA GLY A 261 29.33 -21.57 2.59
C GLY A 261 30.31 -20.55 3.12
N PHE A 262 29.92 -19.93 4.25
CA PHE A 262 30.70 -18.87 4.87
C PHE A 262 30.76 -19.11 6.37
N ILE A 263 31.69 -18.41 7.03
CA ILE A 263 31.84 -18.44 8.48
C ILE A 263 31.79 -17.00 8.99
N LEU A 264 30.97 -16.76 10.01
CA LEU A 264 30.89 -15.47 10.67
C LEU A 264 31.59 -15.58 12.02
N ASN A 265 32.54 -14.67 12.25
CA ASN A 265 33.25 -14.58 13.53
C ASN A 265 32.85 -13.28 14.20
N LEU A 266 32.07 -13.37 15.27
CA LEU A 266 31.74 -12.17 16.01
C LEU A 266 32.11 -12.35 17.48
N PRO A 267 32.38 -11.26 18.19
CA PRO A 267 32.78 -11.38 19.61
C PRO A 267 31.57 -11.64 20.50
N LEU A 268 31.62 -12.73 21.25
CA LEU A 268 30.67 -13.00 22.32
C LEU A 268 31.46 -13.24 23.59
N ASN A 269 31.08 -12.57 24.67
CA ASN A 269 31.68 -12.79 25.99
C ASN A 269 33.20 -12.62 25.94
N LYS A 270 33.65 -11.58 25.23
CA LYS A 270 35.06 -11.20 25.10
C LYS A 270 35.88 -12.25 24.34
N LYS A 271 35.25 -13.05 23.50
CA LYS A 271 35.95 -14.05 22.72
C LYS A 271 35.17 -14.30 21.43
N GLN A 272 35.84 -14.89 20.46
CA GLN A 272 35.26 -15.08 19.13
C GLN A 272 34.41 -16.35 19.10
N TYR A 273 33.21 -16.24 18.54
CA TYR A 273 32.31 -17.35 18.33
C TYR A 273 32.14 -17.54 16.83
N GLN A 274 32.28 -18.78 16.36
CA GLN A 274 32.16 -19.08 14.94
C GLN A 274 30.72 -19.46 14.63
N ILE A 275 30.11 -18.75 13.69
CA ILE A 275 28.76 -19.03 13.22
C ILE A 275 28.86 -19.40 11.75
N GLU A 276 28.51 -20.64 11.43
CA GLU A 276 28.61 -21.13 10.06
C GLU A 276 27.33 -20.83 9.30
N LEU A 277 27.49 -20.45 8.03
CA LEU A 277 26.38 -20.03 7.19
C LEU A 277 26.35 -20.87 5.92
N TRP A 278 25.16 -21.06 5.37
CA TRP A 278 25.03 -21.67 4.06
C TRP A 278 25.51 -20.70 2.98
N GLY A 279 25.49 -21.16 1.73
CA GLY A 279 25.85 -20.34 0.59
C GLY A 279 24.61 -19.83 -0.13
N ASN A 280 24.77 -18.69 -0.81
CA ASN A 280 23.72 -18.10 -1.62
C ASN A 280 24.14 -18.11 -3.08
N ARG A 281 23.21 -18.47 -3.96
CA ARG A 281 23.50 -18.38 -5.39
C ARG A 281 23.67 -16.94 -5.84
N GLN A 282 23.21 -15.98 -5.04
CA GLN A 282 23.57 -14.59 -5.27
C GLN A 282 25.06 -14.38 -5.08
N VAL A 283 25.64 -15.09 -4.11
CA VAL A 283 27.06 -14.97 -3.79
C VAL A 283 27.77 -16.25 -4.17
N ASN A 284 28.25 -16.34 -5.40
CA ASN A 284 28.91 -17.54 -5.90
C ASN A 284 30.38 -17.27 -6.17
N LYS A 285 31.16 -18.35 -6.23
CA LYS A 285 32.61 -18.23 -6.21
C LYS A 285 33.15 -17.44 -7.40
N GLY A 286 32.59 -17.68 -8.59
CA GLY A 286 33.11 -17.05 -9.79
C GLY A 286 32.43 -15.74 -10.14
N THR A 287 31.74 -15.14 -9.16
CA THR A 287 30.91 -13.97 -9.40
C THR A 287 31.52 -12.73 -8.77
N LYS A 288 31.38 -11.59 -9.45
CA LYS A 288 31.79 -10.31 -8.90
C LYS A 288 31.01 -9.97 -7.63
N GLU A 289 29.81 -10.52 -7.47
CA GLU A 289 29.01 -10.28 -6.29
C GLU A 289 29.68 -10.79 -5.02
N ARG A 290 30.36 -11.92 -5.08
CA ARG A 290 31.13 -12.42 -3.94
C ARG A 290 32.31 -11.51 -3.60
N ASP A 291 33.00 -10.99 -4.61
CA ASP A 291 34.07 -10.03 -4.35
C ASP A 291 33.53 -8.77 -3.70
N ALA A 292 32.42 -8.25 -4.21
CA ALA A 292 31.83 -7.06 -3.62
C ALA A 292 31.38 -7.31 -2.19
N PHE A 293 30.79 -8.47 -1.92
CA PHE A 293 30.32 -8.77 -0.57
C PHE A 293 31.49 -8.91 0.40
N LEU A 294 32.52 -9.68 0.01
CA LEU A 294 33.63 -9.92 0.92
C LEU A 294 34.47 -8.66 1.14
N ASN A 295 34.70 -7.89 0.09
CA ASN A 295 35.56 -6.71 0.22
C ASN A 295 34.94 -5.65 1.12
N THR A 296 33.65 -5.38 0.96
CA THR A 296 33.06 -4.16 1.49
C THR A 296 31.79 -4.43 2.30
N TYR A 297 31.77 -5.49 3.09
CA TYR A 297 30.59 -5.72 3.92
C TYR A 297 30.54 -4.72 5.07
N GLY A 298 29.33 -4.31 5.44
CA GLY A 298 29.12 -3.24 6.40
C GLY A 298 29.11 -3.71 7.84
N GLU A 299 28.88 -2.76 8.73
CA GLU A 299 28.98 -3.00 10.17
C GLU A 299 27.69 -3.54 10.79
N ASN A 300 26.54 -3.23 10.21
CA ASN A 300 25.27 -3.66 10.80
C ASN A 300 25.05 -5.15 10.56
N ILE A 301 24.66 -5.85 11.61
CA ILE A 301 24.34 -7.28 11.56
C ILE A 301 22.93 -7.47 12.10
N VAL A 302 22.09 -8.15 11.32
CA VAL A 302 20.70 -8.41 11.69
C VAL A 302 20.51 -9.90 11.85
N PHE A 303 20.07 -10.32 13.03
CA PHE A 303 19.69 -11.71 13.29
C PHE A 303 18.17 -11.75 13.39
N ILE A 304 17.53 -12.45 12.44
CA ILE A 304 16.09 -12.47 12.33
C ILE A 304 15.61 -13.92 12.31
N ILE A 305 14.64 -14.24 13.17
CA ILE A 305 14.07 -15.58 13.23
C ILE A 305 12.82 -15.61 12.37
N ASN A 306 12.78 -16.52 11.40
CA ASN A 306 11.66 -16.63 10.47
C ASN A 306 11.38 -18.09 10.20
N ASN A 307 10.18 -18.54 10.58
CA ASN A 307 9.78 -19.95 10.42
C ASN A 307 10.73 -20.87 11.18
N ASP A 308 11.10 -20.49 12.40
CA ASP A 308 12.00 -21.27 13.26
C ASP A 308 13.32 -21.57 12.55
N GLU A 309 13.87 -20.57 11.89
CA GLU A 309 15.17 -20.66 11.26
C GLU A 309 15.88 -19.33 11.47
N LEU A 310 17.12 -19.40 11.94
CA LEU A 310 17.88 -18.18 12.18
C LEU A 310 18.55 -17.72 10.90
N TYR A 311 18.34 -16.47 10.54
CA TYR A 311 18.97 -15.86 9.38
C TYR A 311 19.80 -14.66 9.83
N VAL A 312 20.92 -14.44 9.16
CA VAL A 312 21.75 -13.27 9.41
C VAL A 312 21.83 -12.46 8.13
N VAL A 313 21.53 -11.17 8.25
CA VAL A 313 21.55 -10.24 7.13
C VAL A 313 22.76 -9.34 7.29
N PHE A 314 23.52 -9.18 6.22
CA PHE A 314 24.63 -8.24 6.17
C PHE A 314 24.30 -7.15 5.16
N SER A 315 25.26 -6.26 4.96
CA SER A 315 25.11 -5.18 4.00
C SER A 315 26.46 -4.95 3.35
N TYR A 316 26.42 -4.51 2.08
CA TYR A 316 27.66 -4.27 1.36
C TYR A 316 27.39 -3.23 0.28
N GLU A 317 28.46 -2.77 -0.34
CA GLU A 317 28.40 -1.72 -1.35
C GLU A 317 28.56 -2.33 -2.74
N TYR A 318 27.60 -2.06 -3.62
CA TYR A 318 27.64 -2.53 -4.98
C TYR A 318 27.26 -1.39 -5.91
N GLU A 319 27.77 -1.45 -7.14
CA GLU A 319 27.48 -0.41 -8.12
C GLU A 319 26.19 -0.71 -8.87
N LEU A 320 25.59 0.34 -9.42
CA LEU A 320 24.39 0.25 -10.23
C LEU A 320 24.68 0.76 -11.63
N GLU A 321 24.18 0.05 -12.63
CA GLU A 321 24.36 0.41 -14.03
C GLU A 321 23.01 0.53 -14.73
N LYS A 322 22.00 1.01 -14.02
CA LYS A 322 20.69 1.24 -14.64
C LYS A 322 20.82 2.25 -15.77
N GLU A 323 20.25 1.92 -16.92
CA GLU A 323 20.35 2.77 -18.09
C GLU A 323 19.40 3.97 -17.97
N GLU A 324 19.38 4.78 -19.01
CA GLU A 324 18.55 5.98 -19.06
C GLU A 324 17.54 5.85 -20.19
N ALA A 325 16.43 6.58 -20.05
CA ALA A 325 15.34 6.48 -21.00
C ALA A 325 15.79 6.84 -22.40
N ASN A 326 15.28 6.10 -23.39
CA ASN A 326 15.68 6.27 -24.78
C ASN A 326 14.60 6.87 -25.67
N PHE A 327 13.33 6.59 -25.40
CA PHE A 327 12.19 7.16 -26.14
C PHE A 327 12.29 6.85 -27.63
N VAL A 328 12.57 5.59 -27.95
CA VAL A 328 12.52 5.13 -29.33
C VAL A 328 11.39 4.14 -29.58
N LYS A 329 10.97 3.40 -28.55
CA LYS A 329 9.89 2.43 -28.70
C LYS A 329 9.21 2.28 -27.34
N THR A 330 8.02 2.84 -27.20
CA THR A 330 7.30 2.86 -25.94
C THR A 330 6.05 2.01 -26.04
N VAL A 331 5.47 1.69 -24.89
CA VAL A 331 4.22 0.95 -24.82
C VAL A 331 3.58 1.22 -23.46
N GLY A 332 2.27 1.51 -23.47
CA GLY A 332 1.52 1.70 -22.25
C GLY A 332 0.96 0.41 -21.71
N LEU A 333 0.42 0.49 -20.49
CA LEU A 333 -0.15 -0.68 -19.85
C LEU A 333 -1.17 -0.25 -18.80
N ASP A 334 -2.37 -0.80 -18.90
CA ASP A 334 -3.45 -0.54 -17.96
C ASP A 334 -3.75 -1.80 -17.15
N VAL A 335 -4.16 -1.61 -15.90
CA VAL A 335 -4.42 -2.71 -14.99
C VAL A 335 -5.92 -2.75 -14.69
N ASN A 336 -6.55 -3.88 -15.02
CA ASN A 336 -7.99 -4.07 -14.84
C ASN A 336 -8.22 -5.37 -14.07
N PHE A 337 -9.49 -5.71 -13.86
CA PHE A 337 -9.83 -6.94 -13.16
C PHE A 337 -10.96 -7.73 -13.78
N LYS A 338 -11.68 -7.20 -14.77
CA LYS A 338 -12.88 -7.88 -15.24
C LYS A 338 -12.60 -8.82 -16.41
N HIS A 339 -11.68 -8.48 -17.31
CA HIS A 339 -11.48 -9.32 -18.48
C HIS A 339 -10.00 -9.64 -18.71
N ALA A 340 -9.11 -8.75 -18.30
CA ALA A 340 -7.69 -9.03 -18.41
C ALA A 340 -6.95 -8.21 -17.36
N PHE A 341 -5.94 -8.83 -16.75
CA PHE A 341 -5.18 -8.13 -15.73
C PHE A 341 -4.38 -6.99 -16.31
N PHE A 342 -3.71 -7.20 -17.44
CA PHE A 342 -2.86 -6.19 -18.05
C PHE A 342 -3.22 -6.07 -19.51
N VAL A 343 -3.50 -4.84 -19.96
CA VAL A 343 -3.82 -4.55 -21.34
C VAL A 343 -2.82 -3.52 -21.84
N THR A 344 -2.15 -3.84 -22.93
CA THR A 344 -1.12 -2.97 -23.48
C THR A 344 -1.67 -2.18 -24.68
N SER A 345 -0.91 -1.17 -25.09
CA SER A 345 -1.28 -0.30 -26.19
C SER A 345 -0.86 -0.85 -27.53
N GLU A 346 -0.68 -2.17 -27.63
CA GLU A 346 -0.19 -2.81 -28.83
C GLU A 346 -1.25 -3.71 -29.42
N LYS A 347 -1.46 -3.60 -30.73
CA LYS A 347 -2.32 -4.53 -31.44
C LYS A 347 -1.55 -5.83 -31.68
N ASP A 348 -2.19 -6.95 -31.40
CA ASP A 348 -1.57 -8.26 -31.58
C ASP A 348 -1.48 -8.54 -33.08
N ASN A 349 -0.26 -8.41 -33.62
CA ASN A 349 -0.02 -8.65 -35.04
C ASN A 349 1.02 -9.75 -35.24
N CYS A 350 1.13 -10.67 -34.27
CA CYS A 350 2.08 -11.77 -34.31
C CYS A 350 3.50 -11.27 -34.55
N HIS A 351 3.88 -10.23 -33.81
CA HIS A 351 5.19 -9.63 -33.92
C HIS A 351 6.02 -9.74 -32.65
N LEU A 352 5.43 -10.11 -31.53
CA LEU A 352 6.16 -10.27 -30.27
C LEU A 352 6.63 -11.71 -30.16
N ASP A 353 7.95 -11.92 -30.25
CA ASP A 353 8.50 -13.25 -30.11
C ASP A 353 8.36 -13.75 -28.69
N GLY A 354 8.01 -15.03 -28.56
CA GLY A 354 7.80 -15.62 -27.25
C GLY A 354 6.51 -15.24 -26.60
N TYR A 355 5.62 -14.55 -27.30
CA TYR A 355 4.35 -14.10 -26.75
C TYR A 355 3.24 -15.06 -27.14
N ILE A 356 2.43 -15.46 -26.17
CA ILE A 356 1.25 -16.29 -26.41
C ILE A 356 0.03 -15.49 -26.03
N ASN A 357 -0.89 -15.33 -26.98
CA ASN A 357 -2.14 -14.61 -26.76
C ASN A 357 -3.20 -15.59 -26.30
N LEU A 358 -3.61 -15.49 -25.03
CA LEU A 358 -4.57 -16.44 -24.50
C LEU A 358 -5.99 -16.15 -24.95
N TYR A 359 -6.30 -14.91 -25.30
CA TYR A 359 -7.64 -14.61 -25.81
C TYR A 359 -7.81 -15.05 -27.25
N LYS A 360 -6.75 -15.03 -28.06
CA LYS A 360 -6.79 -15.71 -29.34
C LYS A 360 -7.01 -17.21 -29.15
N TYR A 361 -6.35 -17.79 -28.16
CA TYR A 361 -6.48 -19.23 -27.91
C TYR A 361 -7.90 -19.59 -27.49
N LEU A 362 -8.48 -18.81 -26.58
CA LEU A 362 -9.77 -19.18 -26.00
C LEU A 362 -10.92 -19.07 -26.98
N LEU A 363 -10.77 -18.27 -28.03
CA LEU A 363 -11.83 -18.13 -29.03
C LEU A 363 -11.67 -19.08 -30.20
N GLU A 364 -10.56 -19.83 -30.27
CA GLU A 364 -10.44 -20.90 -31.25
C GLU A 364 -11.28 -22.11 -30.89
N HIS A 365 -11.79 -22.19 -29.67
CA HIS A 365 -12.56 -23.34 -29.21
C HIS A 365 -14.04 -23.01 -29.32
N ASP A 366 -14.77 -23.81 -30.09
CA ASP A 366 -16.19 -23.57 -30.28
C ASP A 366 -16.96 -23.78 -28.98
N GLU A 367 -16.44 -24.62 -28.08
CA GLU A 367 -17.13 -24.86 -26.81
C GLU A 367 -17.17 -23.61 -25.93
N PHE A 368 -16.30 -22.64 -26.17
CA PHE A 368 -16.28 -21.42 -25.38
C PHE A 368 -17.16 -20.33 -25.99
N THR A 369 -17.01 -20.09 -27.29
CA THR A 369 -17.80 -19.06 -27.94
C THR A 369 -19.29 -19.36 -27.93
N ASN A 370 -19.68 -20.64 -27.82
CA ASN A 370 -21.10 -20.97 -27.84
C ASN A 370 -21.84 -20.35 -26.67
N LEU A 371 -21.25 -20.38 -25.48
CA LEU A 371 -21.93 -19.86 -24.30
C LEU A 371 -21.99 -18.34 -24.28
N LEU A 372 -21.28 -17.66 -25.16
CA LEU A 372 -21.25 -16.21 -25.17
C LEU A 372 -22.40 -15.64 -25.99
N THR A 373 -22.98 -14.55 -25.49
CA THR A 373 -24.00 -13.84 -26.25
C THR A 373 -23.36 -13.06 -27.39
N ASN A 374 -24.19 -12.52 -28.27
CA ASN A 374 -23.68 -11.78 -29.41
C ASN A 374 -22.88 -10.55 -28.98
N ASP A 375 -23.22 -9.96 -27.84
CA ASP A 375 -22.42 -8.85 -27.32
C ASP A 375 -21.08 -9.36 -26.80
N GLU A 376 -21.10 -10.41 -25.98
CA GLU A 376 -19.88 -10.93 -25.38
C GLU A 376 -18.91 -11.43 -26.44
N LYS A 377 -19.43 -12.10 -27.48
CA LYS A 377 -18.56 -12.55 -28.57
C LYS A 377 -17.81 -11.38 -29.16
N LYS A 378 -18.53 -10.29 -29.45
CA LYS A 378 -17.90 -9.13 -30.07
C LYS A 378 -16.86 -8.51 -29.14
N ASP A 379 -17.18 -8.42 -27.85
CA ASP A 379 -16.22 -7.85 -26.90
C ASP A 379 -14.96 -8.70 -26.77
N TYR A 380 -15.12 -10.02 -26.69
CA TYR A 380 -13.94 -10.89 -26.59
C TYR A 380 -13.10 -10.82 -27.86
N GLU A 381 -13.74 -10.76 -29.03
CA GLU A 381 -12.98 -10.60 -30.26
C GLU A 381 -12.28 -9.25 -30.32
N GLU A 382 -12.90 -8.21 -29.76
CA GLU A 382 -12.24 -6.91 -29.66
C GLU A 382 -10.97 -7.02 -28.82
N LEU A 383 -11.08 -7.69 -27.67
CA LEU A 383 -9.93 -7.84 -26.78
C LEU A 383 -8.82 -8.66 -27.43
N SER A 384 -9.19 -9.70 -28.16
CA SER A 384 -8.21 -10.65 -28.71
C SER A 384 -7.30 -10.04 -29.77
N LYS A 385 -7.63 -8.87 -30.31
CA LYS A 385 -6.77 -8.22 -31.30
C LYS A 385 -5.71 -7.35 -30.66
N VAL A 386 -5.67 -7.30 -29.33
CA VAL A 386 -4.76 -6.46 -28.57
C VAL A 386 -3.81 -7.35 -27.79
N VAL A 387 -2.53 -6.97 -27.75
CA VAL A 387 -1.59 -7.67 -26.88
C VAL A 387 -2.09 -7.54 -25.45
N THR A 388 -2.42 -8.67 -24.83
CA THR A 388 -3.03 -8.70 -23.52
C THR A 388 -2.28 -9.70 -22.65
N PHE A 389 -2.62 -9.74 -21.36
CA PHE A 389 -1.95 -10.65 -20.45
C PHE A 389 -2.88 -11.07 -19.33
N CYS A 390 -2.67 -12.30 -18.83
CA CYS A 390 -3.27 -12.84 -17.62
C CYS A 390 -4.80 -12.74 -17.60
N PRO A 391 -5.51 -13.64 -18.29
CA PRO A 391 -6.97 -13.50 -18.38
C PRO A 391 -7.66 -13.71 -17.04
N PHE A 392 -7.53 -12.73 -16.16
CA PHE A 392 -8.33 -12.69 -14.96
C PHE A 392 -9.76 -12.35 -15.32
N GLU A 393 -10.73 -13.09 -14.79
CA GLU A 393 -12.14 -12.89 -15.08
C GLU A 393 -12.89 -12.74 -13.77
N ASN A 394 -13.11 -11.49 -13.37
CA ASN A 394 -13.72 -11.23 -12.06
C ASN A 394 -15.10 -11.88 -11.94
N GLN A 395 -15.92 -11.77 -13.00
CA GLN A 395 -17.26 -12.33 -12.92
C GLN A 395 -17.26 -13.85 -13.01
N LEU A 396 -16.44 -14.41 -13.91
CA LEU A 396 -16.37 -15.86 -14.04
C LEU A 396 -15.79 -16.49 -12.78
N LEU A 397 -14.76 -15.88 -12.19
CA LEU A 397 -14.10 -16.47 -11.04
C LEU A 397 -15.06 -16.63 -9.86
N PHE A 398 -15.92 -15.65 -9.63
CA PHE A 398 -16.84 -15.71 -8.51
C PHE A 398 -17.85 -16.85 -8.66
N ALA A 399 -17.96 -17.43 -9.86
CA ALA A 399 -18.80 -18.61 -10.01
C ALA A 399 -18.27 -19.80 -9.22
N ARG A 400 -16.99 -19.82 -8.89
CA ARG A 400 -16.44 -20.92 -8.10
C ARG A 400 -17.01 -20.91 -6.69
N TYR A 401 -17.14 -19.72 -6.08
CA TYR A 401 -17.75 -19.63 -4.76
C TYR A 401 -19.26 -19.69 -4.83
N ASN A 402 -19.86 -19.03 -5.82
CA ASN A 402 -21.32 -19.01 -5.97
C ASN A 402 -21.70 -20.16 -6.88
N LYS A 403 -22.19 -21.25 -6.29
CA LYS A 403 -22.56 -22.42 -7.07
C LYS A 403 -23.78 -22.16 -7.93
N MET A 404 -24.72 -21.35 -7.44
CA MET A 404 -25.93 -21.01 -8.20
C MET A 404 -25.73 -19.71 -8.98
N SER A 405 -24.67 -19.65 -9.77
CA SER A 405 -24.31 -18.45 -10.52
C SER A 405 -24.62 -18.62 -11.99
N LYS A 406 -24.71 -17.48 -12.69
CA LYS A 406 -25.01 -17.48 -14.11
C LYS A 406 -23.79 -17.68 -14.98
N PHE A 407 -22.59 -17.72 -14.39
CA PHE A 407 -21.36 -17.92 -15.15
C PHE A 407 -20.65 -19.21 -14.78
N CYS A 408 -21.33 -20.13 -14.10
CA CYS A 408 -20.66 -21.34 -13.61
C CYS A 408 -20.18 -22.21 -14.76
N LYS A 409 -20.98 -22.35 -15.81
CA LYS A 409 -20.60 -23.22 -16.92
C LYS A 409 -19.49 -22.58 -17.75
N LYS A 410 -19.54 -21.27 -17.94
CA LYS A 410 -18.49 -20.58 -18.69
C LYS A 410 -17.16 -20.67 -17.96
N GLU A 411 -17.20 -20.58 -16.62
CA GLU A 411 -15.98 -20.68 -15.82
C GLU A 411 -15.30 -22.02 -16.02
N GLN A 412 -16.07 -23.12 -16.00
CA GLN A 412 -15.48 -24.45 -16.16
C GLN A 412 -14.83 -24.60 -17.53
N VAL A 413 -15.48 -24.13 -18.59
CA VAL A 413 -14.91 -24.23 -19.93
C VAL A 413 -13.61 -23.42 -20.01
N LEU A 414 -13.62 -22.20 -19.47
CA LEU A 414 -12.42 -21.39 -19.45
C LEU A 414 -11.29 -22.11 -18.74
N SER A 415 -11.56 -22.64 -17.55
CA SER A 415 -10.52 -23.30 -16.76
C SER A 415 -9.98 -24.52 -17.47
N LYS A 416 -10.87 -25.34 -18.05
CA LYS A 416 -10.41 -26.52 -18.76
C LYS A 416 -9.52 -26.17 -19.93
N LEU A 417 -9.90 -25.16 -20.71
CA LEU A 417 -9.07 -24.79 -21.86
C LEU A 417 -7.73 -24.24 -21.43
N LEU A 418 -7.72 -23.42 -20.37
CA LEU A 418 -6.44 -22.88 -19.89
C LEU A 418 -5.52 -23.99 -19.37
N TYR A 419 -6.06 -24.93 -18.59
CA TYR A 419 -5.23 -26.03 -18.08
C TYR A 419 -4.77 -26.96 -19.21
N ALA A 420 -5.60 -27.16 -20.23
CA ALA A 420 -5.16 -27.94 -21.38
C ALA A 420 -4.02 -27.25 -22.11
N LEU A 421 -4.11 -25.93 -22.28
CA LEU A 421 -3.00 -25.19 -22.87
C LEU A 421 -1.74 -25.33 -22.03
N GLN A 422 -1.91 -25.32 -20.70
CA GLN A 422 -0.77 -25.54 -19.81
C GLN A 422 -0.11 -26.89 -20.08
N LYS A 423 -0.92 -27.95 -20.19
CA LYS A 423 -0.38 -29.28 -20.48
C LYS A 423 0.36 -29.30 -21.82
N GLN A 424 -0.23 -28.69 -22.85
CA GLN A 424 0.41 -28.67 -24.17
C GLN A 424 1.74 -27.93 -24.15
N LEU A 425 1.77 -26.76 -23.48
CA LEU A 425 3.00 -25.99 -23.42
C LEU A 425 4.08 -26.71 -22.64
N LYS A 426 3.68 -27.43 -21.58
CA LYS A 426 4.63 -28.28 -20.87
C LYS A 426 5.19 -29.36 -21.78
N ASP A 427 4.33 -29.98 -22.58
CA ASP A 427 4.80 -31.04 -23.48
C ASP A 427 5.77 -30.50 -24.51
N GLU A 428 5.54 -29.28 -25.02
CA GLU A 428 6.34 -28.75 -26.11
C GLU A 428 7.60 -28.03 -25.65
N ASN A 429 7.91 -28.04 -24.34
CA ASN A 429 9.15 -27.47 -23.81
C ASN A 429 9.27 -25.97 -24.05
N ARG A 430 8.14 -25.26 -24.05
CA ARG A 430 8.13 -23.80 -24.08
C ARG A 430 7.96 -23.34 -22.64
N THR A 431 9.09 -23.19 -21.95
CA THR A 431 9.08 -23.12 -20.49
C THR A 431 8.53 -21.80 -19.98
N LYS A 432 8.90 -20.68 -20.60
CA LYS A 432 8.44 -19.38 -20.12
C LYS A 432 6.93 -19.25 -20.23
N GLU A 433 6.38 -19.62 -21.39
CA GLU A 433 4.93 -19.60 -21.57
C GLU A 433 4.26 -20.58 -20.63
N TYR A 434 4.89 -21.73 -20.39
CA TYR A 434 4.33 -22.69 -19.44
C TYR A 434 4.25 -22.11 -18.04
N ILE A 435 5.30 -21.40 -17.61
CA ILE A 435 5.29 -20.78 -16.29
C ILE A 435 4.22 -19.71 -16.21
N TYR A 436 4.09 -18.90 -17.28
CA TYR A 436 3.07 -17.85 -17.30
C TYR A 436 1.67 -18.44 -17.18
N VAL A 437 1.37 -19.48 -17.97
CA VAL A 437 0.05 -20.09 -17.91
C VAL A 437 -0.20 -20.75 -16.56
N SER A 438 0.78 -21.47 -16.03
CA SER A 438 0.59 -22.11 -14.74
C SER A 438 0.39 -21.11 -13.62
N CYS A 439 1.04 -19.95 -13.70
CA CYS A 439 0.88 -18.94 -12.67
C CYS A 439 -0.46 -18.23 -12.78
N VAL A 440 -0.94 -18.02 -14.02
CA VAL A 440 -2.30 -17.52 -14.19
C VAL A 440 -3.31 -18.47 -13.55
N ASN A 441 -3.17 -19.76 -13.86
CA ASN A 441 -4.10 -20.75 -13.34
C ASN A 441 -4.04 -20.81 -11.82
N LYS A 442 -2.83 -20.74 -11.25
CA LYS A 442 -2.69 -20.82 -9.80
C LYS A 442 -3.25 -19.58 -9.13
N LEU A 443 -3.02 -18.40 -9.72
CA LEU A 443 -3.52 -17.16 -9.13
C LEU A 443 -5.04 -17.15 -9.07
N ARG A 444 -5.68 -17.63 -10.13
CA ARG A 444 -7.14 -17.62 -10.17
C ARG A 444 -7.74 -18.40 -9.00
N ALA A 445 -7.19 -19.57 -8.69
CA ALA A 445 -7.71 -20.37 -7.57
C ALA A 445 -7.22 -19.85 -6.22
N LYS A 446 -6.01 -19.30 -6.17
CA LYS A 446 -5.47 -18.82 -4.91
C LYS A 446 -6.28 -17.64 -4.39
N TYR A 447 -6.75 -16.76 -5.27
CA TYR A 447 -7.58 -15.67 -4.79
C TYR A 447 -8.89 -16.18 -4.18
N VAL A 448 -9.49 -17.19 -4.80
CA VAL A 448 -10.72 -17.76 -4.24
C VAL A 448 -10.46 -18.39 -2.88
N SER A 449 -9.32 -19.07 -2.74
CA SER A 449 -8.95 -19.62 -1.43
C SER A 449 -8.79 -18.51 -0.39
N TYR A 450 -8.14 -17.40 -0.78
CA TYR A 450 -7.97 -16.28 0.13
C TYR A 450 -9.31 -15.72 0.57
N PHE A 451 -10.24 -15.55 -0.37
CA PHE A 451 -11.55 -15.02 -0.05
C PHE A 451 -12.29 -15.94 0.93
N ILE A 452 -12.22 -17.25 0.69
CA ILE A 452 -12.88 -18.20 1.59
C ILE A 452 -12.27 -18.13 2.98
N LEU A 453 -10.94 -18.06 3.06
CA LEU A 453 -10.29 -18.00 4.37
C LEU A 453 -10.65 -16.72 5.12
N LYS A 454 -10.67 -15.57 4.43
CA LYS A 454 -10.99 -14.32 5.11
C LYS A 454 -12.45 -14.28 5.54
N GLU A 455 -13.35 -14.84 4.74
CA GLU A 455 -14.74 -14.94 5.17
C GLU A 455 -14.86 -15.82 6.41
N LYS A 456 -14.09 -16.91 6.46
CA LYS A 456 -14.10 -17.74 7.66
C LYS A 456 -13.56 -16.97 8.86
N TYR A 457 -12.54 -16.12 8.64
CA TYR A 457 -12.03 -15.28 9.71
C TYR A 457 -13.12 -14.36 10.24
N TYR A 458 -13.86 -13.71 9.33
CA TYR A 458 -14.93 -12.82 9.75
C TYR A 458 -15.99 -13.56 10.55
N GLU A 459 -16.40 -14.74 10.07
CA GLU A 459 -17.40 -15.53 10.76
C GLU A 459 -16.93 -15.95 12.15
N LYS A 460 -15.69 -16.44 12.24
CA LYS A 460 -15.17 -16.88 13.53
C LYS A 460 -15.04 -15.73 14.51
N GLN A 461 -14.61 -14.55 14.02
CA GLN A 461 -14.52 -13.39 14.89
C GLN A 461 -15.88 -13.00 15.42
N LYS A 462 -16.90 -13.00 14.55
CA LYS A 462 -18.25 -12.70 15.02
C LYS A 462 -18.70 -13.71 16.07
N GLU A 463 -18.46 -15.00 15.82
CA GLU A 463 -18.86 -16.02 16.79
C GLU A 463 -18.20 -15.78 18.14
N TYR A 464 -16.90 -15.53 18.15
CA TYR A 464 -16.17 -15.32 19.40
C TYR A 464 -16.67 -14.08 20.13
N ASP A 465 -16.84 -12.97 19.40
CA ASP A 465 -17.26 -11.73 20.05
C ASP A 465 -18.67 -11.86 20.63
N ILE A 466 -19.58 -12.50 19.90
CA ILE A 466 -20.92 -12.70 20.42
C ILE A 466 -20.88 -13.63 21.63
N GLU A 467 -20.02 -14.66 21.60
CA GLU A 467 -19.94 -15.59 22.71
C GLU A 467 -19.45 -14.90 23.98
N MET A 468 -18.43 -14.04 23.87
CA MET A 468 -17.89 -13.41 25.07
C MET A 468 -18.90 -12.46 25.71
N GLY A 469 -19.71 -11.77 24.91
CA GLY A 469 -20.78 -10.94 25.42
C GLY A 469 -20.32 -9.75 26.23
N PHE A 470 -19.64 -8.81 25.57
CA PHE A 470 -19.10 -7.65 26.25
C PHE A 470 -20.21 -6.73 26.74
N VAL A 471 -20.03 -6.20 27.95
CA VAL A 471 -20.96 -5.24 28.53
C VAL A 471 -20.16 -4.01 28.96
N ASP A 472 -20.58 -2.84 28.49
CA ASP A 472 -19.88 -1.60 28.76
C ASP A 472 -20.73 -0.71 29.68
N ASP A 473 -20.11 -0.19 30.73
CA ASP A 473 -20.80 0.74 31.62
C ASP A 473 -21.15 2.03 30.88
N SER A 474 -20.22 2.53 30.07
CA SER A 474 -20.44 3.73 29.27
C SER A 474 -19.64 3.58 27.99
N THR A 475 -19.42 4.68 27.28
CA THR A 475 -18.67 4.66 26.04
C THR A 475 -17.82 5.92 25.95
N GLU A 476 -17.28 6.18 24.76
CA GLU A 476 -16.51 7.37 24.42
C GLU A 476 -15.11 7.35 25.04
N SER A 477 -14.82 6.33 25.86
CA SER A 477 -13.52 6.25 26.50
C SER A 477 -13.24 4.82 26.91
N LYS A 478 -11.99 4.39 26.76
CA LYS A 478 -11.59 3.06 27.21
C LYS A 478 -11.74 2.89 28.71
N GLU A 479 -11.77 3.99 29.46
CA GLU A 479 -12.03 3.91 30.90
C GLU A 479 -13.40 3.31 31.20
N SER A 480 -14.33 3.36 30.25
CA SER A 480 -15.67 2.84 30.46
C SER A 480 -15.92 1.50 29.79
N MET A 481 -15.17 1.16 28.74
CA MET A 481 -15.40 -0.07 28.01
C MET A 481 -15.07 -1.28 28.87
N ASP A 482 -15.60 -2.43 28.46
CA ASP A 482 -15.42 -3.65 29.23
C ASP A 482 -13.95 -4.06 29.28
N LYS A 483 -13.55 -4.62 30.42
CA LYS A 483 -12.15 -4.97 30.63
C LYS A 483 -11.70 -6.07 29.67
N ARG A 484 -12.55 -7.06 29.41
CA ARG A 484 -12.14 -8.24 28.67
C ARG A 484 -11.83 -7.95 27.20
N ARG A 485 -12.20 -6.79 26.68
CA ARG A 485 -11.92 -6.49 25.28
C ARG A 485 -10.42 -6.43 25.02
N THR A 486 -9.67 -5.79 25.91
CA THR A 486 -8.23 -5.71 25.75
C THR A 486 -7.51 -6.93 26.29
N GLU A 487 -8.06 -7.57 27.34
CA GLU A 487 -7.41 -8.72 27.94
C GLU A 487 -7.57 -9.98 27.12
N PHE A 488 -8.70 -10.15 26.44
CA PHE A 488 -8.95 -11.34 25.61
C PHE A 488 -9.42 -10.92 24.22
N PRO A 489 -8.52 -10.40 23.40
CA PRO A 489 -8.87 -10.16 22.00
C PRO A 489 -8.96 -11.46 21.21
N PHE A 490 -9.72 -11.41 20.12
CA PHE A 490 -9.83 -12.55 19.23
C PHE A 490 -8.50 -12.88 18.55
N ARG A 491 -7.61 -11.89 18.41
CA ARG A 491 -6.34 -12.12 17.73
C ARG A 491 -5.48 -13.14 18.46
N ASN A 492 -5.64 -13.27 19.77
CA ASN A 492 -4.84 -14.20 20.56
C ASN A 492 -5.45 -15.60 20.65
N THR A 493 -6.66 -15.78 20.14
CA THR A 493 -7.29 -17.10 20.17
C THR A 493 -6.53 -18.06 19.25
N PRO A 494 -6.44 -19.34 19.62
CA PRO A 494 -5.83 -20.32 18.69
C PRO A 494 -6.56 -20.41 17.36
N VAL A 495 -7.87 -20.16 17.32
CA VAL A 495 -8.61 -20.22 16.07
C VAL A 495 -8.12 -19.15 15.09
N ALA A 496 -7.88 -17.94 15.59
CA ALA A 496 -7.47 -16.86 14.71
C ALA A 496 -6.08 -17.10 14.11
N ASN A 497 -5.17 -17.66 14.90
CA ASN A 497 -3.78 -17.76 14.47
C ASN A 497 -3.61 -18.67 13.26
N GLU A 498 -4.31 -19.82 13.26
CA GLU A 498 -4.18 -20.73 12.13
C GLU A 498 -4.78 -20.14 10.86
N LEU A 499 -5.90 -19.43 10.99
CA LEU A 499 -6.48 -18.76 9.83
C LEU A 499 -5.53 -17.72 9.28
N LEU A 500 -4.87 -16.96 10.15
CA LEU A 500 -3.92 -15.95 9.70
C LEU A 500 -2.70 -16.58 9.04
N SER A 501 -2.27 -17.74 9.52
CA SER A 501 -1.15 -18.43 8.89
C SER A 501 -1.52 -18.96 7.52
N LYS A 502 -2.71 -19.55 7.39
CA LYS A 502 -3.18 -20.00 6.08
C LYS A 502 -3.32 -18.83 5.12
N LEU A 503 -3.81 -17.69 5.61
CA LEU A 503 -3.90 -16.50 4.79
C LEU A 503 -2.52 -16.02 4.36
N ASN A 504 -1.54 -16.07 5.26
CA ASN A 504 -0.18 -15.70 4.90
C ASN A 504 0.36 -16.61 3.80
N ASN A 505 0.11 -17.91 3.91
CA ASN A 505 0.58 -18.85 2.90
C ASN A 505 -0.05 -18.56 1.55
N VAL A 506 -1.37 -18.35 1.54
CA VAL A 506 -2.08 -18.07 0.29
C VAL A 506 -1.58 -16.79 -0.34
N GLN A 507 -1.39 -15.74 0.48
CA GLN A 507 -0.91 -14.47 -0.04
C GLN A 507 0.51 -14.60 -0.58
N GLN A 508 1.34 -15.42 0.06
CA GLN A 508 2.69 -15.66 -0.43
C GLN A 508 2.66 -16.31 -1.81
N ASP A 509 1.80 -17.32 -1.98
CA ASP A 509 1.65 -17.93 -3.30
C ASP A 509 1.16 -16.91 -4.32
N ILE A 510 0.20 -16.07 -3.92
CA ILE A 510 -0.34 -15.05 -4.82
C ILE A 510 0.74 -14.09 -5.28
N ASN A 511 1.55 -13.61 -4.34
CA ASN A 511 2.63 -12.68 -4.66
C ASN A 511 3.63 -13.31 -5.61
N GLY A 512 4.00 -14.57 -5.37
CA GLY A 512 4.91 -15.24 -6.27
C GLY A 512 4.37 -15.38 -7.67
N CYS A 513 3.09 -15.76 -7.79
CA CYS A 513 2.49 -15.91 -9.12
C CYS A 513 2.43 -14.57 -9.84
N LEU A 514 2.07 -13.50 -9.13
CA LEU A 514 2.05 -12.17 -9.75
C LEU A 514 3.43 -11.76 -10.22
N LYS A 515 4.46 -12.04 -9.43
CA LYS A 515 5.82 -11.71 -9.84
C LYS A 515 6.23 -12.50 -11.07
N ASN A 516 5.83 -13.78 -11.15
CA ASN A 516 6.13 -14.56 -12.34
C ASN A 516 5.48 -13.95 -13.58
N ILE A 517 4.21 -13.57 -13.46
CA ILE A 517 3.50 -12.99 -14.61
C ILE A 517 4.16 -11.69 -15.05
N ILE A 518 4.50 -10.83 -14.08
CA ILE A 518 5.09 -9.54 -14.41
C ILE A 518 6.47 -9.72 -15.02
N ASN A 519 7.25 -10.67 -14.51
CA ASN A 519 8.54 -10.97 -15.11
C ASN A 519 8.38 -11.42 -16.56
N TYR A 520 7.37 -12.26 -16.81
CA TYR A 520 7.08 -12.68 -18.18
C TYR A 520 6.81 -11.49 -19.09
N ILE A 521 5.95 -10.57 -18.63
CA ILE A 521 5.60 -9.40 -19.45
C ILE A 521 6.84 -8.54 -19.70
N TYR A 522 7.61 -8.28 -18.64
CA TYR A 522 8.78 -7.42 -18.77
C TYR A 522 9.79 -8.01 -19.72
N LYS A 523 10.04 -9.32 -19.63
CA LYS A 523 11.02 -9.94 -20.52
C LYS A 523 10.50 -9.98 -21.95
N ILE A 524 9.20 -10.14 -22.15
CA ILE A 524 8.63 -10.08 -23.49
C ILE A 524 8.94 -8.72 -24.12
N PHE A 525 8.63 -7.64 -23.40
CA PHE A 525 8.83 -6.32 -23.98
C PHE A 525 10.30 -5.98 -24.13
N GLU A 526 11.14 -6.41 -23.18
CA GLU A 526 12.57 -6.18 -23.30
C GLU A 526 13.16 -6.89 -24.51
N GLN A 527 12.76 -8.15 -24.74
CA GLN A 527 13.35 -8.94 -25.82
C GLN A 527 12.94 -8.47 -27.20
N ASN A 528 11.83 -7.75 -27.32
CA ASN A 528 11.29 -7.37 -28.61
C ASN A 528 11.67 -5.96 -29.02
N GLY A 529 12.51 -5.28 -28.24
CA GLY A 529 13.00 -3.97 -28.60
C GLY A 529 12.35 -2.79 -27.92
N TYR A 530 11.49 -3.02 -26.93
CA TYR A 530 10.82 -1.91 -26.25
C TYR A 530 11.76 -1.29 -25.22
N LYS A 531 11.87 0.04 -25.24
CA LYS A 531 12.79 0.76 -24.37
C LYS A 531 12.11 1.30 -23.12
N ILE A 532 10.82 1.59 -23.17
CA ILE A 532 10.11 2.16 -22.03
C ILE A 532 8.75 1.49 -21.90
N VAL A 533 8.34 1.22 -20.66
CA VAL A 533 6.99 0.77 -20.35
C VAL A 533 6.36 1.84 -19.48
N ALA A 534 5.23 2.37 -19.93
CA ALA A 534 4.51 3.40 -19.18
C ALA A 534 3.42 2.77 -18.32
N LEU A 535 3.19 3.36 -17.15
CA LEU A 535 2.21 2.84 -16.21
C LEU A 535 1.51 4.01 -15.52
N GLU A 536 0.30 3.74 -15.04
CA GLU A 536 -0.36 4.68 -14.16
C GLU A 536 0.39 4.75 -12.84
N ASN A 537 0.48 5.96 -12.27
CA ASN A 537 1.03 6.12 -10.93
C ASN A 537 -0.08 5.80 -9.94
N LEU A 538 -0.24 4.51 -9.68
CA LEU A 538 -1.25 4.03 -8.75
C LEU A 538 -0.68 4.06 -7.34
N GLU A 539 -1.36 4.77 -6.44
CA GLU A 539 -0.86 4.99 -5.09
C GLU A 539 -1.78 4.48 -4.01
N ASN A 540 -2.97 3.98 -4.35
CA ASN A 540 -3.91 3.46 -3.36
C ASN A 540 -4.80 2.44 -4.04
N SER A 541 -5.07 1.34 -3.33
CA SER A 541 -6.00 0.31 -3.80
C SER A 541 -7.09 0.03 -2.78
N ASN A 542 -7.22 0.85 -1.75
CA ASN A 542 -8.21 0.63 -0.72
C ASN A 542 -9.45 1.47 -1.01
N PHE A 543 -10.11 1.11 -2.11
CA PHE A 543 -11.32 1.80 -2.55
C PHE A 543 -12.46 1.54 -1.58
N GLU A 544 -13.32 2.54 -1.42
CA GLU A 544 -14.43 2.43 -0.49
C GLU A 544 -15.47 1.45 -1.02
N LYS A 545 -15.98 0.61 -0.12
CA LYS A 545 -16.93 -0.44 -0.46
C LYS A 545 -18.29 0.21 -0.73
N LYS A 546 -18.41 0.77 -1.93
CA LYS A 546 -19.60 1.53 -2.30
C LYS A 546 -20.84 0.65 -2.41
N GLN A 547 -20.68 -0.65 -2.63
CA GLN A 547 -21.82 -1.54 -2.69
C GLN A 547 -22.40 -1.72 -1.30
N VAL A 548 -23.65 -1.31 -1.10
CA VAL A 548 -24.27 -1.27 0.22
C VAL A 548 -25.50 -2.17 0.22
N LEU A 549 -25.52 -3.12 1.15
CA LEU A 549 -26.74 -3.83 1.53
C LEU A 549 -26.83 -3.69 3.05
N PRO A 550 -27.73 -2.83 3.55
CA PRO A 550 -27.69 -2.46 4.97
C PRO A 550 -27.80 -3.68 5.87
N THR A 551 -26.93 -3.74 6.88
CA THR A 551 -26.84 -4.90 7.75
C THR A 551 -28.07 -4.99 8.64
N ILE A 552 -28.14 -6.08 9.40
CA ILE A 552 -29.30 -6.32 10.26
C ILE A 552 -29.42 -5.24 11.31
N LYS A 553 -28.32 -4.89 11.97
CA LYS A 553 -28.37 -3.88 13.03
C LYS A 553 -28.74 -2.53 12.45
N SER A 554 -28.14 -2.14 11.33
CA SER A 554 -28.49 -0.88 10.70
C SER A 554 -29.90 -0.85 10.16
N LEU A 555 -30.56 -2.00 10.04
CA LEU A 555 -31.95 -2.08 9.61
C LEU A 555 -32.92 -2.01 10.78
N LEU A 556 -32.41 -2.02 12.02
CA LEU A 556 -33.25 -1.91 13.20
C LEU A 556 -32.89 -0.75 14.11
N LYS A 557 -31.62 -0.32 14.12
CA LYS A 557 -31.18 0.76 15.00
C LYS A 557 -30.82 2.03 14.25
N TYR A 558 -30.78 2.01 12.92
CA TYR A 558 -30.54 3.22 12.15
C TYR A 558 -31.67 3.54 11.19
N HIS A 559 -32.13 2.56 10.41
CA HIS A 559 -33.22 2.79 9.47
C HIS A 559 -34.58 2.81 10.15
N LYS A 560 -34.65 2.39 11.41
CA LYS A 560 -35.90 2.37 12.18
C LYS A 560 -36.98 1.55 11.47
N LEU A 561 -36.57 0.46 10.83
CA LEU A 561 -37.53 -0.46 10.25
C LEU A 561 -38.08 -1.45 11.26
N GLU A 562 -37.61 -1.40 12.51
CA GLU A 562 -38.12 -2.31 13.53
C GLU A 562 -39.55 -1.98 13.90
N ASN A 563 -39.87 -0.70 14.06
CA ASN A 563 -41.18 -0.26 14.51
C ASN A 563 -42.17 -0.04 13.38
N GLN A 564 -41.79 -0.39 12.15
CA GLN A 564 -42.69 -0.22 11.02
C GLN A 564 -43.73 -1.35 10.99
N ASN A 565 -44.79 -1.10 10.23
CA ASN A 565 -45.82 -2.11 10.01
C ASN A 565 -45.39 -3.08 8.93
N VAL A 566 -45.68 -4.36 9.15
CA VAL A 566 -45.30 -5.39 8.17
C VAL A 566 -46.03 -5.17 6.86
N ASN A 567 -47.33 -4.92 6.92
CA ASN A 567 -48.10 -4.74 5.69
C ASN A 567 -47.78 -3.41 5.02
N ASP A 568 -47.69 -2.33 5.81
CA ASP A 568 -47.42 -1.00 5.30
C ASP A 568 -46.11 -0.51 5.91
N ILE A 569 -45.03 -0.59 5.15
CA ILE A 569 -43.70 -0.23 5.60
C ILE A 569 -43.36 1.17 5.10
N LYS A 570 -42.72 1.96 5.94
CA LYS A 570 -42.30 3.31 5.56
C LYS A 570 -40.99 3.20 4.78
N ALA A 571 -41.06 3.44 3.48
CA ALA A 571 -39.90 3.30 2.62
C ALA A 571 -38.89 4.41 2.87
N SER A 572 -37.63 4.14 2.51
CA SER A 572 -36.55 5.13 2.57
C SER A 572 -35.77 5.01 1.26
N ASP A 573 -36.21 5.74 0.24
CA ASP A 573 -35.56 5.76 -1.07
C ASP A 573 -35.37 4.36 -1.64
N LYS A 574 -34.11 3.96 -1.84
CA LYS A 574 -33.82 2.68 -2.48
C LYS A 574 -34.05 1.50 -1.54
N VAL A 575 -34.11 1.72 -0.23
CA VAL A 575 -34.23 0.62 0.72
C VAL A 575 -35.50 -0.18 0.48
N LYS A 576 -36.54 0.46 -0.05
CA LYS A 576 -37.75 -0.27 -0.39
C LYS A 576 -37.50 -1.30 -1.48
N GLU A 577 -36.52 -1.04 -2.36
CA GLU A 577 -36.15 -2.04 -3.35
C GLU A 577 -35.59 -3.30 -2.69
N TYR A 578 -34.74 -3.13 -1.67
CA TYR A 578 -34.26 -4.27 -0.91
C TYR A 578 -35.40 -4.97 -0.20
N ILE A 579 -36.34 -4.18 0.34
CA ILE A 579 -37.48 -4.77 1.06
C ILE A 579 -38.31 -5.64 0.12
N GLU A 580 -38.57 -5.15 -1.10
CA GLU A 580 -39.35 -5.92 -2.06
C GLU A 580 -38.65 -7.22 -2.42
N ASN A 581 -37.35 -7.15 -2.68
CA ASN A 581 -36.60 -8.35 -3.01
C ASN A 581 -36.41 -9.23 -1.78
N GLY A 582 -36.22 -10.52 -2.01
CA GLY A 582 -35.99 -11.45 -0.92
C GLY A 582 -34.61 -11.31 -0.32
N TYR A 583 -34.27 -10.11 0.14
CA TYR A 583 -32.97 -9.87 0.77
C TYR A 583 -33.02 -10.11 2.28
N TYR A 584 -34.15 -9.78 2.92
CA TYR A 584 -34.29 -9.87 4.36
C TYR A 584 -35.52 -10.69 4.70
N GLU A 585 -35.36 -11.66 5.61
CA GLU A 585 -36.49 -12.45 6.12
C GLU A 585 -36.91 -11.83 7.45
N LEU A 586 -37.68 -10.74 7.34
CA LEU A 586 -38.09 -9.97 8.52
C LEU A 586 -39.08 -10.78 9.34
N ILE A 587 -38.72 -11.08 10.59
CA ILE A 587 -39.64 -11.72 11.51
C ILE A 587 -40.70 -10.72 11.94
N THR A 588 -41.97 -11.09 11.75
CA THR A 588 -43.06 -10.18 12.07
C THR A 588 -43.35 -10.20 13.57
N ASN A 589 -44.18 -9.24 14.00
CA ASN A 589 -44.61 -9.13 15.38
C ASN A 589 -46.12 -9.36 15.46
N GLU A 590 -46.62 -9.45 16.69
CA GLU A 590 -48.05 -9.73 16.89
C GLU A 590 -48.91 -8.57 16.39
N ASN A 591 -48.59 -7.35 16.82
CA ASN A 591 -49.38 -6.18 16.42
C ASN A 591 -48.82 -5.50 15.18
N ASN A 592 -48.58 -6.30 14.13
CA ASN A 592 -48.15 -5.81 12.82
C ASN A 592 -46.89 -4.95 12.93
N GLU A 593 -45.81 -5.59 13.37
CA GLU A 593 -44.52 -4.91 13.51
C GLU A 593 -43.41 -5.92 13.21
N ILE A 594 -42.17 -5.48 13.34
CA ILE A 594 -40.99 -6.28 13.04
C ILE A 594 -40.21 -6.50 14.32
N VAL A 595 -39.89 -7.75 14.63
CA VAL A 595 -39.12 -8.08 15.82
C VAL A 595 -37.64 -8.18 15.46
N ASP A 596 -37.32 -9.11 14.57
CA ASP A 596 -35.94 -9.42 14.23
C ASP A 596 -35.82 -9.52 12.71
N ALA A 597 -34.60 -9.28 12.22
CA ALA A 597 -34.29 -9.38 10.81
C ALA A 597 -33.26 -10.49 10.60
N LYS A 598 -33.37 -11.15 9.45
CA LYS A 598 -32.45 -12.20 9.07
C LYS A 598 -32.01 -11.99 7.62
N TYR A 599 -30.74 -12.26 7.37
CA TYR A 599 -30.23 -12.21 6.00
C TYR A 599 -30.73 -13.43 5.23
N THR A 600 -31.52 -13.18 4.19
CA THR A 600 -31.85 -14.25 3.25
C THR A 600 -30.62 -14.64 2.45
N GLU A 601 -30.56 -15.90 2.03
CA GLU A 601 -29.39 -16.40 1.33
C GLU A 601 -29.17 -15.69 0.01
N LYS A 602 -30.24 -15.26 -0.66
CA LYS A 602 -30.09 -14.57 -1.94
C LYS A 602 -29.30 -13.27 -1.79
N GLY A 603 -29.58 -12.50 -0.73
CA GLY A 603 -28.82 -11.30 -0.46
C GLY A 603 -27.53 -11.54 0.28
N ALA A 604 -27.44 -12.65 1.04
CA ALA A 604 -26.17 -13.02 1.63
C ALA A 604 -25.13 -13.28 0.53
N MET A 605 -25.56 -13.89 -0.57
CA MET A 605 -24.65 -14.04 -1.70
C MET A 605 -24.26 -12.69 -2.29
N LYS A 606 -25.16 -11.71 -2.28
CA LYS A 606 -24.82 -10.37 -2.76
C LYS A 606 -23.78 -9.71 -1.87
N VAL A 607 -23.91 -9.87 -0.56
CA VAL A 607 -22.91 -9.36 0.36
C VAL A 607 -21.57 -10.07 0.12
N LYS A 608 -21.62 -11.37 -0.14
CA LYS A 608 -20.40 -12.11 -0.46
C LYS A 608 -19.75 -11.56 -1.73
N ASN A 609 -20.56 -11.24 -2.74
CA ASN A 609 -20.01 -10.69 -3.98
C ASN A 609 -19.37 -9.33 -3.73
N ALA A 610 -20.00 -8.51 -2.89
CA ALA A 610 -19.42 -7.21 -2.54
C ALA A 610 -18.07 -7.39 -1.85
N ASN A 611 -18.01 -8.30 -0.86
CA ASN A 611 -16.75 -8.58 -0.19
C ASN A 611 -15.70 -9.11 -1.16
N PHE A 612 -16.11 -10.02 -2.05
CA PHE A 612 -15.20 -10.63 -3.01
C PHE A 612 -14.55 -9.57 -3.89
N PHE A 613 -15.37 -8.72 -4.51
CA PHE A 613 -14.80 -7.72 -5.40
C PHE A 613 -14.01 -6.68 -4.64
N ASN A 614 -14.46 -6.30 -3.44
CA ASN A 614 -13.72 -5.32 -2.65
C ASN A 614 -12.33 -5.84 -2.30
N LEU A 615 -12.23 -7.12 -1.92
CA LEU A 615 -10.96 -7.69 -1.50
C LEU A 615 -10.04 -7.99 -2.67
N MET A 616 -10.59 -8.27 -3.85
CA MET A 616 -9.74 -8.54 -5.00
C MET A 616 -8.85 -7.35 -5.33
N MET A 617 -9.32 -6.13 -5.09
CA MET A 617 -8.52 -4.95 -5.40
C MET A 617 -7.23 -4.95 -4.57
N LYS A 618 -7.33 -5.30 -3.28
CA LYS A 618 -6.19 -5.23 -2.39
C LYS A 618 -5.29 -6.46 -2.53
N SER A 619 -5.88 -7.66 -2.46
CA SER A 619 -5.09 -8.88 -2.34
C SER A 619 -4.19 -9.11 -3.54
N LEU A 620 -4.58 -8.61 -4.71
CA LEU A 620 -3.77 -8.77 -5.90
C LEU A 620 -2.81 -7.60 -6.10
N HIS A 621 -2.73 -6.68 -5.13
CA HIS A 621 -1.76 -5.59 -5.13
C HIS A 621 -1.89 -4.74 -6.38
N PHE A 622 -3.05 -4.09 -6.48
CA PHE A 622 -3.39 -3.31 -7.67
C PHE A 622 -2.38 -2.19 -7.89
N ALA A 623 -1.96 -1.52 -6.82
CA ALA A 623 -1.07 -0.38 -6.93
C ALA A 623 0.40 -0.76 -7.04
N SER A 624 0.77 -2.01 -6.74
CA SER A 624 2.16 -2.41 -6.62
C SER A 624 2.73 -3.02 -7.91
N VAL A 625 1.95 -3.06 -8.99
CA VAL A 625 2.47 -3.57 -10.25
C VAL A 625 3.63 -2.72 -10.73
N LYS A 626 3.51 -1.40 -10.59
CA LYS A 626 4.59 -0.50 -10.99
C LYS A 626 5.86 -0.78 -10.21
N ASP A 627 5.74 -1.13 -8.93
CA ASP A 627 6.92 -1.43 -8.13
C ASP A 627 7.66 -2.64 -8.66
N GLU A 628 6.94 -3.69 -9.05
CA GLU A 628 7.58 -4.86 -9.63
C GLU A 628 8.24 -4.53 -10.97
N PHE A 629 7.58 -3.72 -11.79
CA PHE A 629 8.20 -3.32 -13.05
C PHE A 629 9.46 -2.50 -12.81
N VAL A 630 9.45 -1.64 -11.80
CA VAL A 630 10.64 -0.85 -11.47
C VAL A 630 11.77 -1.77 -11.02
N LEU A 631 11.45 -2.74 -10.15
CA LEU A 631 12.45 -3.68 -9.66
C LEU A 631 13.08 -4.45 -10.81
N LEU A 632 12.27 -4.88 -11.78
CA LEU A 632 12.84 -5.55 -12.94
C LEU A 632 13.62 -4.59 -13.83
N SER A 633 13.27 -3.29 -13.78
CA SER A 633 13.99 -2.31 -14.57
C SER A 633 15.34 -1.94 -13.98
N ASN A 634 15.57 -2.26 -12.70
CA ASN A 634 16.87 -1.99 -12.10
C ASN A 634 18.00 -2.67 -12.88
N ASN A 635 17.78 -3.90 -13.33
CA ASN A 635 18.79 -4.64 -14.08
C ASN A 635 18.51 -4.75 -15.57
N GLY A 636 17.28 -4.52 -16.01
CA GLY A 636 16.89 -4.76 -17.38
C GLY A 636 17.27 -3.64 -18.33
N LYS A 637 16.89 -3.81 -19.59
CA LYS A 637 17.16 -2.84 -20.64
C LYS A 637 15.97 -1.93 -20.93
N THR A 638 14.85 -2.11 -20.23
CA THR A 638 13.65 -1.31 -20.44
C THR A 638 13.34 -0.56 -19.15
N GLN A 639 13.15 0.75 -19.27
CA GLN A 639 12.93 1.61 -18.13
C GLN A 639 11.44 1.90 -17.97
N ILE A 640 11.04 2.13 -16.72
CA ILE A 640 9.63 2.29 -16.38
C ILE A 640 9.33 3.76 -16.17
N ALA A 641 8.29 4.25 -16.84
CA ALA A 641 7.83 5.63 -16.71
C ALA A 641 6.47 5.65 -16.05
N LEU A 642 6.35 6.42 -14.97
CA LEU A 642 5.11 6.56 -14.25
C LEU A 642 4.41 7.84 -14.69
N VAL A 643 3.12 7.74 -14.97
CA VAL A 643 2.33 8.85 -15.52
C VAL A 643 1.13 9.06 -14.63
N PRO A 644 0.52 10.24 -14.68
CA PRO A 644 -0.67 10.50 -13.84
C PRO A 644 -1.78 9.52 -14.15
N SER A 645 -2.53 9.15 -13.11
CA SER A 645 -3.60 8.17 -13.21
C SER A 645 -4.98 8.80 -13.21
N GLU A 646 -5.13 9.96 -13.85
CA GLU A 646 -6.41 10.65 -13.94
C GLU A 646 -6.75 10.87 -15.41
N PHE A 647 -8.01 10.61 -15.76
CA PHE A 647 -8.56 10.89 -17.08
C PHE A 647 -7.83 10.13 -18.19
N THR A 648 -7.27 8.96 -17.84
CA THR A 648 -6.74 8.07 -18.85
C THR A 648 -7.79 7.11 -19.37
N SER A 649 -8.80 6.78 -18.55
CA SER A 649 -9.96 6.01 -19.00
C SER A 649 -11.15 6.92 -19.27
N GLN A 650 -10.90 8.18 -19.61
CA GLN A 650 -11.94 9.12 -20.00
C GLN A 650 -11.57 9.94 -21.23
N MET A 651 -10.36 9.81 -21.74
CA MET A 651 -9.86 10.65 -22.81
C MET A 651 -9.89 9.91 -24.14
N ASP A 652 -10.16 10.65 -25.21
CA ASP A 652 -10.07 10.08 -26.54
C ASP A 652 -8.62 9.88 -26.93
N SER A 653 -8.31 8.73 -27.49
CA SER A 653 -6.94 8.32 -27.78
C SER A 653 -6.50 8.64 -29.21
N THR A 654 -7.35 9.26 -30.01
CA THR A 654 -6.95 9.78 -31.31
C THR A 654 -6.97 11.30 -31.38
N ASP A 655 -8.01 11.93 -30.83
CA ASP A 655 -8.00 13.37 -30.66
C ASP A 655 -6.99 13.79 -29.61
N HIS A 656 -6.77 12.95 -28.59
CA HIS A 656 -5.99 13.31 -27.40
C HIS A 656 -6.61 14.51 -26.70
N CYS A 657 -7.88 14.34 -26.33
CA CYS A 657 -8.68 15.42 -25.76
C CYS A 657 -9.68 14.83 -24.78
N LEU A 658 -9.97 15.59 -23.73
CA LEU A 658 -10.99 15.25 -22.75
C LEU A 658 -12.35 15.80 -23.19
N TYR A 659 -13.42 15.15 -22.74
CA TYR A 659 -14.77 15.47 -23.17
C TYR A 659 -15.43 16.41 -22.17
N MET A 660 -15.87 17.56 -22.64
CA MET A 660 -16.55 18.56 -21.82
C MET A 660 -17.89 18.90 -22.44
N LYS A 661 -18.95 18.78 -21.65
CA LYS A 661 -20.29 19.13 -22.08
C LYS A 661 -20.70 20.47 -21.49
N LYS A 662 -21.96 20.84 -21.68
CA LYS A 662 -22.54 22.05 -21.10
C LYS A 662 -23.77 21.68 -20.29
N ASN A 663 -23.85 22.18 -19.07
CA ASN A 663 -24.97 21.90 -18.18
C ASN A 663 -25.85 23.15 -18.08
N ASP A 664 -27.13 22.99 -18.43
CA ASP A 664 -28.09 24.10 -18.43
C ASP A 664 -27.56 25.26 -19.25
N LYS A 665 -27.65 26.48 -18.69
CA LYS A 665 -27.02 27.64 -19.28
C LYS A 665 -25.60 27.81 -18.76
N GLY A 666 -24.79 26.74 -18.87
CA GLY A 666 -23.46 26.72 -18.35
C GLY A 666 -22.39 26.80 -19.42
N LYS A 667 -21.15 26.79 -18.97
CA LYS A 667 -19.98 26.81 -19.84
C LYS A 667 -19.46 25.38 -20.02
N LEU A 668 -18.26 25.25 -20.58
CA LEU A 668 -17.64 23.94 -20.74
C LEU A 668 -17.39 23.30 -19.39
N VAL A 669 -18.06 22.17 -19.14
CA VAL A 669 -17.95 21.46 -17.87
C VAL A 669 -17.64 20.00 -18.16
N LYS A 670 -16.99 19.35 -17.20
CA LYS A 670 -16.62 17.95 -17.37
C LYS A 670 -17.85 17.06 -17.26
N ALA A 671 -18.05 16.22 -18.26
CA ALA A 671 -19.17 15.29 -18.27
C ALA A 671 -18.91 14.14 -17.30
N ASP A 672 -19.97 13.38 -17.03
CA ASP A 672 -19.84 12.23 -16.15
C ASP A 672 -19.06 11.12 -16.85
N LYS A 673 -18.38 10.30 -16.04
CA LYS A 673 -17.58 9.21 -16.59
C LYS A 673 -18.44 8.13 -17.24
N LYS A 674 -19.71 8.03 -16.83
CA LYS A 674 -20.59 7.05 -17.44
C LYS A 674 -21.14 7.51 -18.79
N GLU A 675 -20.89 8.75 -19.18
CA GLU A 675 -21.30 9.22 -20.50
C GLU A 675 -20.21 9.06 -21.55
N VAL A 676 -18.99 8.69 -21.15
CA VAL A 676 -17.95 8.36 -22.09
C VAL A 676 -17.69 6.86 -22.16
N ARG A 677 -17.92 6.13 -21.07
CA ARG A 677 -17.81 4.66 -21.05
C ARG A 677 -19.21 4.12 -20.80
N THR A 678 -19.93 3.85 -21.89
CA THR A 678 -21.31 3.37 -21.78
C THR A 678 -21.36 2.04 -21.03
N LYS A 679 -20.45 1.12 -21.36
CA LYS A 679 -20.27 -0.12 -20.62
C LYS A 679 -18.78 -0.30 -20.36
N GLN A 680 -18.46 -1.19 -19.41
CA GLN A 680 -17.09 -1.34 -18.98
C GLN A 680 -16.16 -1.75 -20.10
N GLU A 681 -16.68 -2.32 -21.18
CA GLU A 681 -15.84 -2.86 -22.24
C GLU A 681 -15.69 -1.94 -23.44
N LYS A 682 -16.28 -0.75 -23.43
CA LYS A 682 -16.28 0.08 -24.62
C LYS A 682 -16.23 1.55 -24.26
N HIS A 683 -15.72 2.35 -25.20
CA HIS A 683 -15.62 3.80 -25.08
C HIS A 683 -16.27 4.43 -26.30
N ILE A 684 -16.78 5.65 -26.14
CA ILE A 684 -17.62 6.26 -27.16
C ILE A 684 -16.88 6.45 -28.48
N ASN A 685 -15.55 6.44 -28.48
CA ASN A 685 -14.82 6.50 -29.74
C ASN A 685 -14.67 5.13 -30.38
N GLY A 686 -15.16 4.08 -29.75
CA GLY A 686 -15.22 2.77 -30.38
C GLY A 686 -14.29 1.74 -29.79
N LEU A 687 -13.08 2.15 -29.42
CA LEU A 687 -12.08 1.21 -28.94
C LEU A 687 -12.49 0.61 -27.59
N ASN A 688 -11.75 -0.41 -27.19
CA ASN A 688 -11.98 -1.01 -25.88
C ASN A 688 -11.60 -0.02 -24.78
N ALA A 689 -12.35 -0.07 -23.68
CA ALA A 689 -12.16 0.88 -22.59
C ALA A 689 -10.78 0.79 -21.97
N ASP A 690 -10.08 -0.32 -22.17
CA ASP A 690 -8.72 -0.50 -21.68
C ASP A 690 -7.67 -0.26 -22.76
N PHE A 691 -7.92 -0.74 -23.99
CA PHE A 691 -7.03 -0.39 -25.09
C PHE A 691 -7.04 1.11 -25.33
N ASN A 692 -8.13 1.79 -24.98
CA ASN A 692 -8.16 3.25 -25.02
C ASN A 692 -7.22 3.83 -23.98
N ALA A 693 -7.33 3.37 -22.73
CA ALA A 693 -6.51 3.92 -21.65
C ALA A 693 -5.03 3.67 -21.89
N ALA A 694 -4.68 2.50 -22.43
CA ALA A 694 -3.28 2.16 -22.64
C ALA A 694 -2.62 3.08 -23.64
N ASN A 695 -3.38 3.66 -24.58
CA ASN A 695 -2.82 4.63 -25.51
C ASN A 695 -2.76 6.02 -24.93
N ASN A 696 -3.62 6.34 -23.96
CA ASN A 696 -3.46 7.57 -23.20
C ASN A 696 -2.18 7.55 -22.39
N ILE A 697 -1.91 6.43 -21.72
CA ILE A 697 -0.70 6.28 -20.92
C ILE A 697 0.53 6.41 -21.81
N LYS A 698 0.48 5.85 -23.01
CA LYS A 698 1.62 5.93 -23.92
C LYS A 698 1.84 7.35 -24.44
N TYR A 699 0.77 8.14 -24.61
CA TYR A 699 0.94 9.45 -25.21
C TYR A 699 1.72 10.39 -24.30
N ILE A 700 1.49 10.32 -22.99
CA ILE A 700 2.16 11.23 -22.06
C ILE A 700 3.67 11.06 -22.14
N VAL A 701 4.15 9.86 -22.45
CA VAL A 701 5.58 9.63 -22.54
C VAL A 701 6.09 9.64 -23.99
N GLU A 702 5.22 9.39 -24.96
CA GLU A 702 5.65 9.45 -26.36
C GLU A 702 5.82 10.90 -26.82
N ASN A 703 4.94 11.78 -26.38
CA ASN A 703 4.97 13.18 -26.81
C ASN A 703 6.01 13.94 -26.02
N GLU A 704 6.89 14.65 -26.72
CA GLU A 704 7.94 15.42 -26.05
C GLU A 704 7.37 16.58 -25.26
N VAL A 705 6.34 17.25 -25.81
CA VAL A 705 5.77 18.40 -25.11
C VAL A 705 4.98 17.97 -23.89
N TRP A 706 4.19 16.90 -24.00
CA TRP A 706 3.43 16.39 -22.87
C TRP A 706 4.32 15.74 -21.82
N ARG A 707 5.51 15.29 -22.22
CA ARG A 707 6.39 14.58 -21.29
C ARG A 707 6.83 15.50 -20.15
N GLU A 708 7.17 16.74 -20.48
CA GLU A 708 7.65 17.67 -19.46
C GLU A 708 6.53 18.13 -18.54
N ILE A 709 5.33 18.34 -19.08
CA ILE A 709 4.24 18.90 -18.30
C ILE A 709 3.84 17.96 -17.17
N PHE A 710 3.68 16.67 -17.47
CA PHE A 710 3.08 15.74 -16.52
C PHE A 710 4.10 14.87 -15.79
N CYS A 711 5.33 14.78 -16.28
CA CYS A 711 6.32 13.88 -15.73
C CYS A 711 7.58 14.64 -15.35
N THR A 712 8.24 14.17 -14.29
CA THR A 712 9.45 14.81 -13.81
C THR A 712 10.59 14.66 -14.81
N ARG A 713 11.54 15.59 -14.74
CA ARG A 713 12.65 15.60 -15.67
C ARG A 713 13.54 14.38 -15.44
N PRO A 714 14.24 13.93 -16.48
CA PRO A 714 15.10 12.73 -16.34
C PRO A 714 16.35 13.04 -15.50
N LYS A 715 16.45 12.40 -14.35
CA LYS A 715 17.57 12.58 -13.44
C LYS A 715 18.65 11.53 -13.76
N LYS A 716 19.62 11.41 -12.86
CA LYS A 716 20.52 10.27 -12.87
C LYS A 716 19.79 9.03 -12.37
N ALA A 717 20.18 7.87 -12.92
CA ALA A 717 19.54 6.62 -12.54
C ALA A 717 19.76 6.33 -11.06
N GLU A 718 18.76 5.73 -10.43
CA GLU A 718 18.79 5.42 -9.01
C GLU A 718 18.09 4.09 -8.79
N TYR A 719 18.42 3.42 -7.69
CA TYR A 719 17.86 2.12 -7.41
C TYR A 719 16.40 2.23 -7.00
N ASN A 720 15.55 1.37 -7.57
CA ASN A 720 14.13 1.28 -7.24
C ASN A 720 13.43 2.62 -7.43
N VAL A 721 13.87 3.38 -8.42
CA VAL A 721 13.26 4.66 -8.75
C VAL A 721 13.02 4.70 -10.25
N PRO A 722 11.80 4.96 -10.69
CA PRO A 722 11.51 4.98 -12.13
C PRO A 722 12.26 6.10 -12.83
N SER A 723 12.52 5.90 -14.13
CA SER A 723 13.17 6.93 -14.92
C SER A 723 12.32 8.20 -14.96
N LEU A 724 11.01 8.06 -15.12
CA LEU A 724 10.08 9.16 -15.06
C LEU A 724 9.07 8.91 -13.95
N ASP A 725 8.64 10.00 -13.30
CA ASP A 725 7.61 9.93 -12.28
C ASP A 725 6.72 11.15 -12.42
N THR A 726 5.56 11.11 -11.75
CA THR A 726 4.59 12.18 -11.88
C THR A 726 5.01 13.40 -11.07
N THR A 727 4.58 14.56 -11.55
CA THR A 727 4.84 15.82 -10.87
C THR A 727 3.68 16.21 -9.95
N LYS A 728 2.48 16.38 -10.52
CA LYS A 728 1.32 16.83 -9.77
C LYS A 728 0.37 15.67 -9.51
N LYS A 729 -0.31 15.75 -8.37
CA LYS A 729 -1.16 14.67 -7.88
C LYS A 729 -2.55 15.22 -7.56
N GLY A 730 -3.58 14.50 -7.97
CA GLY A 730 -4.94 14.89 -7.71
C GLY A 730 -5.73 15.18 -8.98
N PRO A 731 -7.01 14.79 -8.98
CA PRO A 731 -7.84 15.01 -10.18
C PRO A 731 -7.92 16.46 -10.62
N SER A 732 -8.00 17.39 -9.66
CA SER A 732 -8.11 18.80 -10.01
C SER A 732 -6.85 19.32 -10.69
N ALA A 733 -5.68 18.89 -10.21
CA ALA A 733 -4.42 19.38 -10.79
C ALA A 733 -4.28 18.97 -12.24
N ILE A 734 -4.68 17.75 -12.58
CA ILE A 734 -4.56 17.28 -13.96
C ILE A 734 -5.52 18.04 -14.86
N LEU A 735 -6.73 18.31 -14.37
CA LEU A 735 -7.75 18.96 -15.19
C LEU A 735 -7.31 20.33 -15.66
N HIS A 736 -6.55 21.06 -14.84
CA HIS A 736 -6.10 22.39 -15.23
C HIS A 736 -5.05 22.33 -16.34
N MET A 737 -4.06 21.47 -16.20
CA MET A 737 -2.99 21.39 -17.21
C MET A 737 -3.52 20.89 -18.54
N LEU A 738 -4.61 20.11 -18.52
CA LEU A 738 -5.22 19.66 -19.77
C LEU A 738 -5.77 20.83 -20.57
N LYS A 739 -6.37 21.80 -19.88
CA LYS A 739 -6.98 22.94 -20.55
C LYS A 739 -5.97 23.93 -21.10
N LYS A 740 -4.74 23.96 -20.57
CA LYS A 740 -3.77 24.94 -21.02
C LYS A 740 -3.28 24.61 -22.43
N ILE A 741 -3.17 23.33 -22.77
CA ILE A 741 -2.82 22.93 -24.13
C ILE A 741 -4.12 22.68 -24.89
N GLU A 742 -5.25 23.01 -24.25
CA GLU A 742 -6.57 22.97 -24.89
C GLU A 742 -6.89 21.56 -25.41
N ALA A 743 -6.51 20.54 -24.65
CA ALA A 743 -6.83 19.17 -24.99
C ALA A 743 -8.23 18.83 -24.47
N ILE A 744 -9.22 19.45 -25.11
CA ILE A 744 -10.61 19.34 -24.69
C ILE A 744 -11.48 19.41 -25.94
N LYS A 745 -12.53 18.59 -25.96
CA LYS A 745 -13.50 18.58 -27.04
C LYS A 745 -14.91 18.59 -26.47
N ILE A 746 -15.85 19.12 -27.23
CA ILE A 746 -17.24 19.22 -26.80
C ILE A 746 -17.96 17.92 -27.13
N LEU A 747 -18.64 17.35 -26.14
CA LEU A 747 -19.39 16.11 -26.33
C LEU A 747 -20.77 16.48 -26.87
N GLU A 748 -20.89 16.51 -28.19
CA GLU A 748 -22.13 16.84 -28.88
C GLU A 748 -22.68 18.21 -28.46
#